data_6FG1
#
_entry.id   6FG1
#
_cell.length_a   189.101
_cell.length_b   189.101
_cell.length_c   87.259
_cell.angle_alpha   90.00
_cell.angle_beta   90.00
_cell.angle_gamma   90.00
#
_symmetry.space_group_name_H-M   'P 4 21 2'
#
loop_
_entity.id
_entity.type
_entity.pdbx_description
1 polymer 'HEAVY CHAIN OF FAB NAA32'
2 polymer 'LIGHT CHAIN OF FAB NAA32'
3 polymer 'HEAVY CHAIN OF FAB NATALIZUMAB'
4 polymer 'LIGHT CHAIN OF FAB NATALIZUMAB'
5 non-polymer GLYCEROL
6 water water
#
loop_
_entity_poly.entity_id
_entity_poly.type
_entity_poly.pdbx_seq_one_letter_code
_entity_poly.pdbx_strand_id
1 'polypeptide(L)'
;QVHLVQSGAEVKKPGASVKVSCKASGYTFTSYTMHWVRQAPGQRLEWMGWINAGHGTTKYSQKFQGRVTITRDTSASTAY
MELSSLRSEDTAVYYCARPTSEGVAGPSRYYWYFDLWGRGTLVTVSSASTKGPSVFPLAPSSKSTSGGTAALGCLVKDYF
PEPVTVSWNSGALTSGVHTFPAVLQSSGLYSLSSVVTVPSSSLGTQTYICNVNHKPSNTKVDKKVEPKSCDKTHTENLYF
Q
;
A
2 'polypeptide(L)'
;EIVMTQSPATLSVSPGERATLSCRASQSVSSNLAWYQQKPGQAPRLLIYGASTRATGIPARFSGSGSGTEFTLTISSLQS
EDFAVYYCQQYNNWPPLTFGGGTKVEIKRTVAAPSVFIFPPSDEQLKSGTASVVCLLNNFYPREAKVQWKVDNALQSGNS
QESVTEQDSKDSTYSLSSTLTLSKADYEKHKVYACEVTHEGLSSPVTKSFNRGEC
;
D
3 'polypeptide(L)'
;QVQLVQSGAEVKKPGASVKVSCKASGFNIKDTYIHWVRQAPGQRLEWMGRIDPANGYTKYDPKFQGRVTITADTSASTAY
MELSSLRSEDEAVYYCAREGYYGNYGVYAMDYWGQGTLVTVSSASTKGPSVFPLAPCSRSTSESTAALGCLVKDYFPEPV
TVSWNSGALTSGVHTFPAVLQSSGLYSLSSVVTVPSSSLGTKTYTCNVDHKPSNTKVDKRVESKYGPPENLYFQ
;
H
4 'polypeptide(L)'
;DIQMTQSPSSLSASVGDRVTITCKTSQDINKYMAWYQQTPGKAPRLLIHYTSALQPGIPSRFSGSGSGRDYTFTISSLQP
EDIATYYCLQYDNLWTFGQGTKVEIKRTVAAPSVFIFPPSDEQLKSGTASVVCLLNNFYPREAKVQWKVDNALQSGNSQE
SVTEQDSKDSTYSLSSTLTLSKADYEKHKVYACEVTHQGLSSPVTKSFNRGEC
;
L
#
loop_
_chem_comp.id
_chem_comp.type
_chem_comp.name
_chem_comp.formula
GOL non-polymer GLYCEROL 'C3 H8 O3'
#
# COMPACT_ATOMS: atom_id res chain seq x y z
N GLN A 1 36.07 6.29 -3.10
CA GLN A 1 36.11 4.92 -2.57
C GLN A 1 34.78 4.55 -1.86
N VAL A 2 33.65 4.82 -2.56
CA VAL A 2 32.27 4.56 -2.10
C VAL A 2 31.67 3.41 -2.93
N HIS A 3 31.46 2.22 -2.30
CA HIS A 3 30.93 1.02 -2.97
C HIS A 3 30.00 0.19 -2.06
N LEU A 4 29.25 -0.74 -2.67
CA LEU A 4 28.37 -1.69 -1.97
C LEU A 4 28.84 -3.11 -2.32
N VAL A 5 29.38 -3.84 -1.32
CA VAL A 5 29.92 -5.20 -1.50
C VAL A 5 28.87 -6.27 -1.15
N GLN A 6 28.46 -7.06 -2.17
CA GLN A 6 27.48 -8.12 -2.02
C GLN A 6 28.10 -9.51 -1.87
N SER A 7 27.38 -10.43 -1.20
CA SER A 7 27.79 -11.82 -1.00
C SER A 7 27.73 -12.61 -2.34
N GLY A 8 28.45 -13.73 -2.39
CA GLY A 8 28.54 -14.59 -3.57
C GLY A 8 27.23 -15.21 -4.02
N ALA A 9 27.19 -15.66 -5.29
CA ALA A 9 26.03 -16.30 -5.94
C ALA A 9 25.59 -17.57 -5.22
N GLU A 10 24.31 -17.93 -5.34
CA GLU A 10 23.83 -19.12 -4.65
C GLU A 10 22.85 -19.97 -5.43
N VAL A 11 22.85 -21.27 -5.10
CA VAL A 11 21.94 -22.28 -5.62
C VAL A 11 21.19 -22.78 -4.41
N LYS A 12 19.86 -22.82 -4.52
CA LYS A 12 18.95 -23.23 -3.45
C LYS A 12 17.86 -24.07 -4.05
N LYS A 13 17.42 -25.13 -3.36
CA LYS A 13 16.34 -25.96 -3.86
C LYS A 13 15.00 -25.28 -3.49
N PRO A 14 13.87 -25.54 -4.19
CA PRO A 14 12.60 -24.89 -3.79
C PRO A 14 12.19 -25.13 -2.33
N GLY A 15 11.52 -24.15 -1.75
CA GLY A 15 11.04 -24.18 -0.38
C GLY A 15 12.08 -23.80 0.64
N ALA A 16 13.33 -23.54 0.19
CA ALA A 16 14.45 -23.16 1.05
C ALA A 16 14.51 -21.64 1.23
N SER A 17 15.58 -21.14 1.87
CA SER A 17 15.78 -19.72 2.10
C SER A 17 17.20 -19.28 1.77
N VAL A 18 17.36 -18.02 1.34
CA VAL A 18 18.65 -17.41 1.02
C VAL A 18 18.78 -16.06 1.75
N LYS A 19 19.97 -15.76 2.30
CA LYS A 19 20.26 -14.50 2.99
C LYS A 19 21.45 -13.80 2.31
N VAL A 20 21.14 -12.82 1.43
CA VAL A 20 22.15 -12.06 0.67
C VAL A 20 22.64 -10.86 1.50
N SER A 21 23.97 -10.73 1.67
CA SER A 21 24.55 -9.61 2.42
C SER A 21 24.90 -8.45 1.48
N CYS A 22 25.12 -7.25 2.06
CA CYS A 22 25.46 -6.01 1.37
C CYS A 22 26.19 -5.07 2.33
N LYS A 23 27.54 -5.09 2.29
CA LYS A 23 28.39 -4.23 3.13
C LYS A 23 28.57 -2.88 2.44
N ALA A 24 28.66 -1.79 3.22
CA ALA A 24 28.82 -0.43 2.71
C ALA A 24 30.13 0.20 3.14
N SER A 25 30.72 1.02 2.26
CA SER A 25 31.98 1.75 2.50
C SER A 25 32.00 3.08 1.76
N GLY A 26 32.66 4.08 2.36
CA GLY A 26 32.81 5.41 1.79
C GLY A 26 31.80 6.44 2.23
N TYR A 27 30.87 6.04 3.14
CA TYR A 27 29.82 6.91 3.68
C TYR A 27 29.27 6.38 5.02
N THR A 28 28.46 7.21 5.70
CA THR A 28 27.82 6.86 6.98
C THR A 28 26.54 6.06 6.69
N PHE A 29 26.61 4.73 6.90
CA PHE A 29 25.55 3.75 6.67
C PHE A 29 24.20 4.12 7.33
N THR A 30 24.23 4.56 8.61
CA THR A 30 23.09 4.96 9.42
C THR A 30 22.30 6.16 8.87
N SER A 31 22.96 7.01 8.06
CA SER A 31 22.36 8.21 7.49
C SER A 31 21.43 7.96 6.30
N TYR A 32 21.58 6.80 5.62
CA TYR A 32 20.77 6.47 4.46
C TYR A 32 19.93 5.22 4.67
N THR A 33 18.96 5.02 3.77
CA THR A 33 18.10 3.85 3.73
C THR A 33 18.70 2.86 2.70
N MET A 34 18.43 1.57 2.81
CA MET A 34 18.96 0.55 1.91
C MET A 34 17.81 -0.20 1.27
N HIS A 35 17.76 -0.20 -0.07
CA HIS A 35 16.71 -0.86 -0.83
C HIS A 35 17.23 -2.11 -1.49
N TRP A 36 16.30 -3.00 -1.88
CA TRP A 36 16.63 -4.25 -2.56
C TRP A 36 15.83 -4.34 -3.82
N VAL A 37 16.52 -4.52 -4.96
CA VAL A 37 15.89 -4.61 -6.28
C VAL A 37 16.35 -5.90 -6.95
N ARG A 38 15.40 -6.64 -7.53
CA ARG A 38 15.73 -7.89 -8.19
C ARG A 38 15.47 -7.85 -9.70
N GLN A 39 16.19 -8.70 -10.45
CA GLN A 39 16.03 -8.80 -11.88
C GLN A 39 16.15 -10.25 -12.35
N ALA A 40 15.01 -10.84 -12.73
CA ALA A 40 14.89 -12.20 -13.25
C ALA A 40 15.53 -12.20 -14.66
N PRO A 41 16.21 -13.30 -15.09
CA PRO A 41 16.86 -13.29 -16.43
C PRO A 41 15.93 -12.87 -17.57
N GLY A 42 16.34 -11.83 -18.28
CA GLY A 42 15.61 -11.25 -19.42
C GLY A 42 14.31 -10.56 -19.04
N GLN A 43 14.29 -9.88 -17.88
CA GLN A 43 13.12 -9.18 -17.37
C GLN A 43 13.50 -7.82 -16.77
N ARG A 44 12.47 -7.00 -16.48
CA ARG A 44 12.65 -5.66 -15.90
C ARG A 44 13.05 -5.73 -14.42
N LEU A 45 13.57 -4.61 -13.89
CA LEU A 45 13.94 -4.49 -12.49
C LEU A 45 12.66 -4.49 -11.65
N GLU A 46 12.69 -5.16 -10.49
CA GLU A 46 11.55 -5.34 -9.59
C GLU A 46 11.94 -4.88 -8.19
N TRP A 47 11.25 -3.87 -7.67
CA TRP A 47 11.53 -3.34 -6.34
C TRP A 47 10.92 -4.27 -5.28
N MET A 48 11.73 -4.62 -4.27
CA MET A 48 11.32 -5.56 -3.23
C MET A 48 10.94 -4.90 -1.90
N GLY A 49 11.79 -4.00 -1.43
CA GLY A 49 11.61 -3.33 -0.15
C GLY A 49 12.83 -2.59 0.31
N TRP A 50 12.73 -1.95 1.48
CA TRP A 50 13.84 -1.18 2.04
C TRP A 50 13.99 -1.32 3.56
N ILE A 51 15.15 -0.91 4.09
CA ILE A 51 15.45 -0.82 5.50
C ILE A 51 16.06 0.55 5.81
N ASN A 52 15.56 1.22 6.84
CA ASN A 52 16.13 2.45 7.33
C ASN A 52 17.29 1.94 8.20
N ALA A 53 18.52 2.10 7.70
CA ALA A 53 19.74 1.61 8.36
C ALA A 53 20.00 2.18 9.76
N GLY A 54 19.50 3.38 10.04
CA GLY A 54 19.67 4.04 11.32
C GLY A 54 18.73 3.61 12.43
N HIS A 55 17.49 3.19 12.08
CA HIS A 55 16.49 2.80 13.08
C HIS A 55 15.97 1.34 12.95
N GLY A 56 16.36 0.65 11.86
CA GLY A 56 15.97 -0.74 11.61
C GLY A 56 14.56 -0.92 11.09
N THR A 57 13.90 0.18 10.75
CA THR A 57 12.54 0.26 10.25
C THR A 57 12.49 -0.21 8.80
N THR A 58 11.53 -1.10 8.46
CA THR A 58 11.42 -1.66 7.11
C THR A 58 10.11 -1.39 6.41
N LYS A 59 10.08 -1.56 5.08
CA LYS A 59 8.89 -1.46 4.26
C LYS A 59 9.08 -2.39 3.07
N TYR A 60 8.10 -3.26 2.81
CA TYR A 60 8.20 -4.24 1.72
C TYR A 60 7.07 -4.11 0.75
N SER A 61 7.29 -4.59 -0.47
CA SER A 61 6.29 -4.67 -1.53
C SER A 61 5.32 -5.77 -1.08
N GLN A 62 4.03 -5.65 -1.44
CA GLN A 62 3.00 -6.61 -1.06
C GLN A 62 3.15 -7.94 -1.81
N LYS A 63 3.83 -7.92 -2.97
CA LYS A 63 4.12 -9.10 -3.78
C LYS A 63 5.04 -10.08 -3.04
N PHE A 64 5.96 -9.56 -2.20
CA PHE A 64 6.93 -10.34 -1.42
C PHE A 64 6.55 -10.50 0.05
N GLN A 65 5.62 -9.64 0.55
CA GLN A 65 5.13 -9.61 1.93
C GLN A 65 4.84 -11.04 2.42
N GLY A 66 5.55 -11.43 3.48
CA GLY A 66 5.47 -12.75 4.08
C GLY A 66 6.68 -13.63 3.83
N ARG A 67 7.45 -13.34 2.76
CA ARG A 67 8.64 -14.13 2.38
C ARG A 67 9.92 -13.33 2.50
N VAL A 68 9.82 -11.99 2.43
CA VAL A 68 11.01 -11.15 2.51
C VAL A 68 11.18 -10.56 3.93
N THR A 69 12.43 -10.58 4.37
CA THR A 69 12.87 -10.04 5.65
C THR A 69 14.13 -9.23 5.35
N ILE A 70 14.19 -7.97 5.82
CA ILE A 70 15.35 -7.12 5.61
C ILE A 70 15.87 -6.68 6.97
N THR A 71 17.16 -6.92 7.23
CA THR A 71 17.83 -6.58 8.49
C THR A 71 19.10 -5.78 8.22
N ARG A 72 19.69 -5.19 9.27
CA ARG A 72 20.92 -4.43 9.15
C ARG A 72 21.80 -4.60 10.39
N ASP A 73 23.12 -4.64 10.18
CA ASP A 73 24.13 -4.76 11.21
C ASP A 73 24.95 -3.47 11.22
N THR A 74 24.55 -2.52 12.07
CA THR A 74 25.16 -1.20 12.25
C THR A 74 26.66 -1.34 12.63
N SER A 75 26.98 -2.39 13.41
CA SER A 75 28.32 -2.74 13.87
C SER A 75 29.27 -3.12 12.73
N ALA A 76 28.72 -3.54 11.57
CA ALA A 76 29.49 -3.98 10.41
C ALA A 76 29.07 -3.30 9.08
N SER A 77 28.24 -2.22 9.17
CA SER A 77 27.70 -1.43 8.05
C SER A 77 27.15 -2.32 6.92
N THR A 78 26.42 -3.38 7.31
CA THR A 78 25.89 -4.37 6.38
C THR A 78 24.37 -4.46 6.44
N ALA A 79 23.76 -4.67 5.29
CA ALA A 79 22.32 -4.87 5.16
C ALA A 79 22.10 -6.27 4.59
N TYR A 80 21.02 -6.93 5.04
CA TYR A 80 20.70 -8.29 4.62
C TYR A 80 19.29 -8.39 4.07
N MET A 81 19.08 -9.28 3.11
CA MET A 81 17.77 -9.57 2.53
C MET A 81 17.62 -11.08 2.57
N GLU A 82 16.54 -11.56 3.22
CA GLU A 82 16.23 -12.99 3.35
C GLU A 82 14.96 -13.29 2.57
N LEU A 83 15.03 -14.23 1.61
CA LEU A 83 13.87 -14.61 0.82
C LEU A 83 13.51 -16.08 1.10
N SER A 84 12.43 -16.26 1.88
CA SER A 84 11.89 -17.56 2.33
C SER A 84 10.94 -18.17 1.29
N SER A 85 10.68 -19.49 1.45
CA SER A 85 9.79 -20.28 0.60
C SER A 85 10.05 -20.02 -0.90
N LEU A 86 11.32 -20.21 -1.29
CA LEU A 86 11.78 -19.98 -2.67
C LEU A 86 11.08 -20.87 -3.68
N ARG A 87 10.67 -20.27 -4.78
CA ARG A 87 10.00 -20.93 -5.90
C ARG A 87 10.83 -20.70 -7.16
N SER A 88 10.51 -21.44 -8.25
CA SER A 88 11.22 -21.37 -9.54
C SER A 88 11.35 -19.93 -10.08
N GLU A 89 10.28 -19.12 -9.94
CA GLU A 89 10.15 -17.72 -10.36
C GLU A 89 11.12 -16.77 -9.64
N ASP A 90 11.61 -17.15 -8.45
CA ASP A 90 12.53 -16.35 -7.65
C ASP A 90 13.98 -16.36 -8.15
N THR A 91 14.24 -17.10 -9.27
CA THR A 91 15.56 -17.16 -9.92
C THR A 91 15.81 -15.78 -10.51
N ALA A 92 16.71 -15.00 -9.88
CA ALA A 92 17.01 -13.63 -10.26
C ALA A 92 18.34 -13.13 -9.69
N VAL A 93 18.77 -11.93 -10.15
CA VAL A 93 19.95 -11.22 -9.66
C VAL A 93 19.39 -10.27 -8.59
N TYR A 94 19.98 -10.26 -7.42
CA TYR A 94 19.53 -9.44 -6.31
C TYR A 94 20.53 -8.32 -6.04
N TYR A 95 20.07 -7.06 -6.14
CA TYR A 95 20.91 -5.88 -5.91
C TYR A 95 20.47 -5.13 -4.68
N CYS A 96 21.44 -4.63 -3.91
CA CYS A 96 21.14 -3.71 -2.82
C CYS A 96 21.42 -2.30 -3.40
N ALA A 97 20.46 -1.38 -3.26
CA ALA A 97 20.55 -0.03 -3.82
C ALA A 97 20.35 1.05 -2.77
N ARG A 98 21.27 2.01 -2.73
CA ARG A 98 21.22 3.14 -1.82
C ARG A 98 20.75 4.38 -2.59
N PRO A 99 19.73 5.13 -2.10
CA PRO A 99 19.29 6.33 -2.81
C PRO A 99 20.31 7.47 -2.71
N THR A 100 20.20 8.48 -3.61
CA THR A 100 21.09 9.63 -3.68
C THR A 100 21.14 10.43 -2.36
N SER A 101 19.98 10.61 -1.68
CA SER A 101 19.93 11.40 -0.44
C SER A 101 19.57 10.62 0.83
N GLU A 102 19.91 11.23 1.98
CA GLU A 102 19.68 10.74 3.34
C GLU A 102 18.20 10.83 3.71
N GLY A 103 17.79 10.01 4.68
CA GLY A 103 16.44 10.01 5.23
C GLY A 103 15.39 9.20 4.50
N VAL A 104 14.13 9.42 4.87
CA VAL A 104 12.98 8.69 4.35
C VAL A 104 12.15 9.56 3.42
N ALA A 105 11.65 8.95 2.33
CA ALA A 105 10.78 9.62 1.38
C ALA A 105 9.38 9.83 1.98
N GLY A 106 8.63 10.77 1.38
CA GLY A 106 7.28 11.15 1.76
C GLY A 106 6.81 12.37 1.02
N PRO A 107 5.81 13.14 1.55
CA PRO A 107 5.35 14.34 0.84
C PRO A 107 6.42 15.41 0.87
N SER A 108 6.80 15.96 -0.33
CA SER A 108 7.87 16.96 -0.56
C SER A 108 9.29 16.40 -0.32
N ARG A 109 9.40 15.05 -0.23
CA ARG A 109 10.65 14.30 -0.05
C ARG A 109 10.60 13.09 -1.01
N TYR A 110 10.91 13.29 -2.28
CA TYR A 110 10.85 12.17 -3.22
C TYR A 110 12.28 11.68 -3.49
N TYR A 111 12.75 10.81 -2.59
CA TYR A 111 14.10 10.27 -2.55
C TYR A 111 14.31 8.86 -3.13
N TRP A 112 13.26 8.16 -3.60
CA TRP A 112 13.42 6.77 -4.05
C TRP A 112 13.95 6.59 -5.50
N TYR A 113 15.17 7.07 -5.76
CA TYR A 113 15.93 6.92 -7.00
C TYR A 113 17.36 6.69 -6.50
N PHE A 114 18.02 5.67 -7.02
CA PHE A 114 19.29 5.16 -6.48
C PHE A 114 20.51 5.40 -7.35
N ASP A 115 21.59 5.94 -6.74
CA ASP A 115 22.85 6.20 -7.42
C ASP A 115 23.94 5.17 -7.09
N LEU A 116 23.92 4.62 -5.86
CA LEU A 116 24.88 3.62 -5.42
C LEU A 116 24.22 2.23 -5.45
N TRP A 117 24.85 1.30 -6.18
CA TRP A 117 24.36 -0.06 -6.35
C TRP A 117 25.47 -1.08 -6.10
N GLY A 118 25.04 -2.28 -5.70
CA GLY A 118 25.91 -3.44 -5.52
C GLY A 118 26.02 -4.13 -6.87
N ARG A 119 27.07 -4.96 -7.07
CA ARG A 119 27.26 -5.64 -8.36
C ARG A 119 26.16 -6.68 -8.68
N GLY A 120 25.54 -7.24 -7.65
CA GLY A 120 24.47 -8.23 -7.81
C GLY A 120 24.81 -9.59 -7.26
N THR A 121 23.76 -10.35 -6.89
CA THR A 121 23.88 -11.70 -6.35
C THR A 121 22.85 -12.59 -7.03
N LEU A 122 23.31 -13.49 -7.90
CA LEU A 122 22.42 -14.42 -8.59
C LEU A 122 22.01 -15.54 -7.63
N VAL A 123 20.71 -15.79 -7.54
CA VAL A 123 20.14 -16.84 -6.70
C VAL A 123 19.34 -17.71 -7.66
N THR A 124 19.81 -18.94 -7.88
CA THR A 124 19.17 -19.88 -8.78
C THR A 124 18.34 -20.87 -7.98
N VAL A 125 17.02 -20.91 -8.24
CA VAL A 125 16.10 -21.81 -7.54
C VAL A 125 15.85 -23.05 -8.40
N SER A 126 16.49 -24.19 -8.02
CA SER A 126 16.38 -25.46 -8.74
C SER A 126 16.53 -26.67 -7.82
N SER A 127 15.64 -27.66 -8.00
CA SER A 127 15.66 -28.93 -7.25
C SER A 127 16.76 -29.85 -7.77
N ALA A 128 17.11 -29.69 -9.08
CA ALA A 128 18.15 -30.41 -9.81
C ALA A 128 19.51 -30.35 -9.12
N SER A 129 20.30 -31.42 -9.26
CA SER A 129 21.63 -31.53 -8.69
C SER A 129 22.69 -31.54 -9.80
N THR A 130 23.96 -31.33 -9.42
CA THR A 130 25.12 -31.27 -10.32
C THR A 130 25.11 -32.43 -11.34
N LYS A 131 25.11 -32.08 -12.63
CA LYS A 131 25.12 -33.01 -13.75
C LYS A 131 25.98 -32.46 -14.86
N GLY A 132 26.85 -33.33 -15.38
CA GLY A 132 27.73 -33.01 -16.51
C GLY A 132 26.93 -33.03 -17.79
N PRO A 133 27.30 -32.21 -18.79
CA PRO A 133 26.51 -32.18 -20.03
C PRO A 133 26.70 -33.37 -20.98
N SER A 134 25.70 -33.59 -21.83
CA SER A 134 25.71 -34.53 -22.93
C SER A 134 25.96 -33.64 -24.16
N VAL A 135 26.91 -34.02 -25.02
CA VAL A 135 27.26 -33.20 -26.19
C VAL A 135 26.93 -33.94 -27.48
N PHE A 136 26.02 -33.37 -28.27
CA PHE A 136 25.59 -33.95 -29.54
C PHE A 136 25.98 -33.04 -30.69
N PRO A 137 26.33 -33.57 -31.87
CA PRO A 137 26.72 -32.66 -32.95
C PRO A 137 25.56 -32.11 -33.77
N LEU A 138 25.79 -30.94 -34.38
CA LEU A 138 24.91 -30.32 -35.36
C LEU A 138 25.75 -30.43 -36.62
N ALA A 139 25.63 -31.59 -37.26
CA ALA A 139 26.41 -31.99 -38.42
C ALA A 139 26.21 -31.11 -39.66
N PRO A 140 27.32 -30.66 -40.30
CA PRO A 140 27.17 -29.85 -41.53
C PRO A 140 26.85 -30.73 -42.75
N SER A 141 26.16 -30.15 -43.73
CA SER A 141 25.76 -30.81 -44.98
C SER A 141 25.42 -29.74 -46.03
N SER A 142 24.88 -30.16 -47.19
CA SER A 142 24.42 -29.28 -48.28
C SER A 142 23.20 -28.47 -47.82
N LYS A 143 22.46 -29.00 -46.82
CA LYS A 143 21.28 -28.41 -46.21
C LYS A 143 21.65 -27.43 -45.10
N SER A 144 22.96 -27.22 -44.88
CA SER A 144 23.51 -26.32 -43.88
C SER A 144 24.38 -25.24 -44.54
N THR A 145 24.46 -25.29 -45.88
CA THR A 145 25.27 -24.45 -46.75
C THR A 145 24.53 -23.20 -47.26
N SER A 146 25.30 -22.12 -47.50
CA SER A 146 24.89 -20.84 -48.08
C SER A 146 26.12 -20.12 -48.61
N GLY A 147 26.18 -19.91 -49.93
CA GLY A 147 27.26 -19.21 -50.64
C GLY A 147 28.67 -19.65 -50.28
N GLY A 148 28.95 -20.95 -50.42
CA GLY A 148 30.25 -21.53 -50.11
C GLY A 148 30.60 -21.61 -48.65
N THR A 149 29.60 -21.44 -47.76
CA THR A 149 29.81 -21.50 -46.30
C THR A 149 28.88 -22.57 -45.72
N ALA A 150 29.36 -23.32 -44.73
CA ALA A 150 28.55 -24.35 -44.10
C ALA A 150 28.48 -24.12 -42.61
N ALA A 151 27.32 -24.36 -42.03
CA ALA A 151 27.11 -24.20 -40.59
C ALA A 151 27.18 -25.57 -39.90
N LEU A 152 27.86 -25.60 -38.76
CA LEU A 152 28.01 -26.80 -37.94
C LEU A 152 28.00 -26.41 -36.49
N GLY A 153 27.77 -27.36 -35.60
CA GLY A 153 27.75 -27.03 -34.19
C GLY A 153 27.70 -28.15 -33.19
N CYS A 154 27.48 -27.77 -31.93
CA CYS A 154 27.39 -28.65 -30.78
C CYS A 154 26.20 -28.30 -29.91
N LEU A 155 25.36 -29.30 -29.62
CA LEU A 155 24.22 -29.16 -28.74
C LEU A 155 24.66 -29.72 -27.36
N VAL A 156 24.88 -28.80 -26.41
CA VAL A 156 25.33 -29.05 -25.02
C VAL A 156 24.05 -29.17 -24.16
N LYS A 157 23.60 -30.43 -23.94
CA LYS A 157 22.34 -30.70 -23.26
C LYS A 157 22.41 -31.21 -21.84
N ASP A 158 21.35 -30.86 -21.08
CA ASP A 158 21.02 -31.27 -19.72
C ASP A 158 22.19 -31.23 -18.75
N TYR A 159 22.60 -30.02 -18.35
CA TYR A 159 23.67 -29.82 -17.37
C TYR A 159 23.22 -28.87 -16.25
N PHE A 160 23.89 -28.95 -15.09
CA PHE A 160 23.60 -28.11 -13.93
C PHE A 160 24.78 -28.09 -12.95
N PRO A 161 25.18 -26.94 -12.37
CA PRO A 161 24.69 -25.59 -12.62
C PRO A 161 25.46 -24.95 -13.78
N GLU A 162 25.19 -23.67 -14.07
CA GLU A 162 25.92 -22.92 -15.08
C GLU A 162 27.28 -22.54 -14.44
N PRO A 163 28.39 -22.37 -15.20
CA PRO A 163 28.54 -22.35 -16.66
C PRO A 163 29.27 -23.53 -17.31
N VAL A 164 29.16 -23.59 -18.65
CA VAL A 164 29.89 -24.51 -19.53
C VAL A 164 30.78 -23.62 -20.38
N THR A 165 32.09 -23.84 -20.32
CA THR A 165 33.04 -23.05 -21.10
C THR A 165 33.31 -23.83 -22.40
N VAL A 166 32.74 -23.35 -23.52
CA VAL A 166 32.81 -23.95 -24.86
C VAL A 166 33.86 -23.29 -25.77
N SER A 167 34.81 -24.11 -26.28
CA SER A 167 35.80 -23.67 -27.25
C SER A 167 35.76 -24.62 -28.46
N TRP A 168 36.48 -24.28 -29.54
CA TRP A 168 36.53 -25.08 -30.75
C TRP A 168 37.98 -25.34 -31.14
N ASN A 169 38.30 -26.59 -31.50
CA ASN A 169 39.63 -27.08 -31.88
C ASN A 169 40.72 -26.66 -30.88
N SER A 170 40.41 -26.74 -29.57
CA SER A 170 41.29 -26.39 -28.44
C SER A 170 41.84 -24.95 -28.52
N GLY A 171 40.99 -24.03 -28.97
CA GLY A 171 41.33 -22.61 -29.13
C GLY A 171 41.86 -22.19 -30.50
N ALA A 172 42.22 -23.17 -31.38
CA ALA A 172 42.72 -22.91 -32.74
C ALA A 172 41.65 -22.32 -33.66
N LEU A 173 40.38 -22.56 -33.32
CA LEU A 173 39.26 -22.01 -34.08
C LEU A 173 38.54 -20.98 -33.19
N THR A 174 38.49 -19.72 -33.65
CA THR A 174 37.82 -18.63 -32.93
C THR A 174 36.88 -17.84 -33.84
N SER A 175 37.23 -17.73 -35.14
CA SER A 175 36.45 -16.96 -36.12
C SER A 175 35.18 -17.70 -36.51
N GLY A 176 34.10 -16.94 -36.67
CA GLY A 176 32.79 -17.42 -37.08
C GLY A 176 32.01 -18.20 -36.06
N VAL A 177 32.41 -18.12 -34.76
CA VAL A 177 31.79 -18.84 -33.64
C VAL A 177 30.63 -18.05 -32.99
N HIS A 178 29.47 -18.71 -32.84
CA HIS A 178 28.30 -18.21 -32.14
C HIS A 178 27.91 -19.22 -31.02
N THR A 179 28.27 -18.90 -29.77
CA THR A 179 27.90 -19.69 -28.59
C THR A 179 26.68 -19.00 -27.96
N PHE A 180 25.51 -19.59 -28.16
CA PHE A 180 24.22 -19.11 -27.69
C PHE A 180 24.10 -19.10 -26.17
N PRO A 181 23.27 -18.21 -25.56
CA PRO A 181 23.12 -18.24 -24.09
C PRO A 181 22.36 -19.48 -23.64
N ALA A 182 22.62 -19.93 -22.40
CA ALA A 182 21.98 -21.09 -21.79
C ALA A 182 20.48 -20.88 -21.58
N VAL A 183 19.69 -21.95 -21.77
CA VAL A 183 18.24 -21.97 -21.53
C VAL A 183 17.87 -23.02 -20.47
N LEU A 184 17.18 -22.58 -19.39
CA LEU A 184 16.73 -23.50 -18.34
C LEU A 184 15.52 -24.25 -18.90
N GLN A 185 15.62 -25.58 -19.00
CA GLN A 185 14.57 -26.45 -19.52
C GLN A 185 13.50 -26.76 -18.47
N SER A 186 12.44 -27.52 -18.87
CA SER A 186 11.34 -27.98 -18.02
C SER A 186 11.89 -28.82 -16.85
N SER A 187 12.91 -29.65 -17.15
CA SER A 187 13.59 -30.54 -16.20
C SER A 187 14.39 -29.80 -15.12
N GLY A 188 14.77 -28.54 -15.39
CA GLY A 188 15.56 -27.73 -14.47
C GLY A 188 17.04 -27.84 -14.78
N LEU A 189 17.34 -28.38 -15.96
CA LEU A 189 18.70 -28.58 -16.48
C LEU A 189 18.90 -27.69 -17.70
N TYR A 190 20.04 -27.02 -17.76
CA TYR A 190 20.38 -26.10 -18.86
C TYR A 190 20.75 -26.80 -20.16
N SER A 191 20.40 -26.17 -21.28
CA SER A 191 20.78 -26.61 -22.61
C SER A 191 21.32 -25.40 -23.35
N LEU A 192 22.27 -25.64 -24.25
CA LEU A 192 22.99 -24.59 -24.97
C LEU A 192 23.47 -25.17 -26.32
N SER A 193 23.75 -24.29 -27.28
CA SER A 193 24.27 -24.70 -28.58
C SER A 193 25.31 -23.70 -29.08
N SER A 194 26.41 -24.23 -29.64
CA SER A 194 27.50 -23.44 -30.17
C SER A 194 27.68 -23.79 -31.63
N VAL A 195 27.44 -22.82 -32.51
CA VAL A 195 27.54 -23.00 -33.97
C VAL A 195 28.73 -22.25 -34.53
N VAL A 196 29.20 -22.68 -35.70
CA VAL A 196 30.34 -22.08 -36.41
C VAL A 196 30.10 -22.16 -37.90
N THR A 197 30.48 -21.09 -38.62
CA THR A 197 30.35 -21.02 -40.07
C THR A 197 31.73 -21.17 -40.65
N VAL A 198 31.92 -22.19 -41.50
CA VAL A 198 33.22 -22.52 -42.09
C VAL A 198 33.14 -22.63 -43.62
N PRO A 199 34.27 -22.75 -44.36
CA PRO A 199 34.18 -22.97 -45.80
C PRO A 199 33.56 -24.34 -46.08
N SER A 200 32.56 -24.35 -46.96
CA SER A 200 31.81 -25.52 -47.40
C SER A 200 32.73 -26.54 -48.11
N SER A 201 33.65 -26.06 -48.99
CA SER A 201 34.56 -26.84 -49.83
C SER A 201 35.57 -27.71 -49.09
N SER A 202 35.96 -27.32 -47.86
CA SER A 202 36.98 -28.03 -47.11
C SER A 202 36.42 -28.94 -45.98
N LEU A 203 35.13 -29.28 -46.05
CA LEU A 203 34.46 -30.15 -45.06
C LEU A 203 35.03 -31.56 -44.96
N GLY A 204 35.63 -32.06 -46.03
CA GLY A 204 36.23 -33.39 -46.05
C GLY A 204 37.67 -33.47 -45.61
N THR A 205 38.34 -32.31 -45.47
CA THR A 205 39.75 -32.26 -45.08
C THR A 205 39.97 -31.64 -43.72
N GLN A 206 39.04 -30.80 -43.28
CA GLN A 206 39.16 -30.13 -41.98
C GLN A 206 38.46 -30.92 -40.86
N THR A 207 38.99 -30.79 -39.64
CA THR A 207 38.49 -31.44 -38.44
C THR A 207 37.96 -30.38 -37.52
N TYR A 208 36.69 -30.54 -37.10
CA TYR A 208 36.06 -29.58 -36.21
C TYR A 208 35.60 -30.26 -34.95
N ILE A 209 36.25 -29.94 -33.84
CA ILE A 209 35.96 -30.51 -32.54
C ILE A 209 35.53 -29.43 -31.55
N CYS A 210 34.36 -29.58 -30.91
CA CYS A 210 33.99 -28.63 -29.87
C CYS A 210 34.43 -29.19 -28.50
N ASN A 211 35.03 -28.32 -27.71
CA ASN A 211 35.54 -28.65 -26.39
C ASN A 211 34.62 -28.02 -25.38
N VAL A 212 33.87 -28.87 -24.67
CA VAL A 212 32.90 -28.43 -23.69
C VAL A 212 33.44 -28.74 -22.31
N ASN A 213 33.72 -27.69 -21.54
CA ASN A 213 34.25 -27.86 -20.20
C ASN A 213 33.21 -27.45 -19.16
N HIS A 214 32.97 -28.33 -18.18
CA HIS A 214 32.03 -28.12 -17.08
C HIS A 214 32.75 -28.40 -15.77
N LYS A 215 33.25 -27.34 -15.13
CA LYS A 215 34.00 -27.42 -13.87
C LYS A 215 33.19 -27.97 -12.67
N PRO A 216 31.88 -27.65 -12.47
CA PRO A 216 31.15 -28.19 -11.30
C PRO A 216 31.04 -29.71 -11.18
N SER A 217 31.11 -30.45 -12.30
CA SER A 217 31.06 -31.91 -12.30
C SER A 217 32.43 -32.51 -12.63
N ASN A 218 33.44 -31.62 -12.88
CA ASN A 218 34.81 -31.96 -13.27
C ASN A 218 34.78 -32.81 -14.57
N THR A 219 33.88 -32.42 -15.49
CA THR A 219 33.61 -33.07 -16.78
C THR A 219 34.09 -32.22 -17.97
N LYS A 220 34.85 -32.86 -18.87
CA LYS A 220 35.35 -32.25 -20.10
C LYS A 220 34.88 -33.15 -21.25
N VAL A 221 34.12 -32.61 -22.23
CA VAL A 221 33.62 -33.40 -23.37
C VAL A 221 34.13 -32.81 -24.71
N ASP A 222 34.90 -33.63 -25.47
CA ASP A 222 35.43 -33.25 -26.78
C ASP A 222 34.66 -34.00 -27.84
N LYS A 223 33.91 -33.29 -28.68
CA LYS A 223 33.12 -33.93 -29.73
C LYS A 223 33.53 -33.51 -31.14
N LYS A 224 33.85 -34.51 -31.99
CA LYS A 224 34.18 -34.30 -33.39
C LYS A 224 32.87 -34.12 -34.16
N VAL A 225 32.74 -32.99 -34.89
CA VAL A 225 31.55 -32.67 -35.69
C VAL A 225 31.87 -32.89 -37.15
N GLU A 226 31.46 -34.05 -37.68
CA GLU A 226 31.72 -34.51 -39.05
C GLU A 226 30.57 -34.22 -39.99
N PRO A 227 30.80 -34.12 -41.34
CA PRO A 227 29.66 -33.93 -42.25
C PRO A 227 28.69 -35.10 -42.22
N LYS A 228 27.41 -34.81 -42.54
CA LYS A 228 26.29 -35.76 -42.56
C LYS A 228 26.59 -37.04 -43.35
N SER A 229 26.67 -38.17 -42.64
CA SER A 229 26.89 -39.49 -43.21
C SER A 229 25.55 -40.12 -43.60
N CYS A 230 25.58 -41.15 -44.47
CA CYS A 230 24.36 -41.82 -44.92
C CYS A 230 24.32 -43.29 -44.54
N ASP A 231 23.19 -43.73 -43.96
CA ASP A 231 22.95 -45.12 -43.58
C ASP A 231 22.79 -45.96 -44.85
N LYS A 232 22.00 -45.43 -45.81
CA LYS A 232 21.69 -46.00 -47.12
C LYS A 232 21.59 -44.89 -48.16
N THR A 233 21.69 -45.28 -49.45
CA THR A 233 21.52 -44.41 -50.61
C THR A 233 20.41 -45.06 -51.45
N HIS A 234 19.52 -44.25 -52.05
CA HIS A 234 18.40 -44.81 -52.83
C HIS A 234 17.96 -43.96 -54.03
N THR A 235 17.00 -44.50 -54.81
CA THR A 235 16.34 -43.88 -55.97
C THR A 235 14.88 -44.40 -56.05
N GLU A 236 13.97 -43.53 -56.54
CA GLU A 236 12.52 -43.73 -56.68
C GLU A 236 11.83 -43.80 -55.32
N GLU B 1 -1.04 -0.11 -8.88
CA GLU B 1 0.33 0.34 -9.14
C GLU B 1 0.43 1.13 -10.43
N ILE B 2 1.46 2.00 -10.53
CA ILE B 2 1.70 2.77 -11.75
C ILE B 2 2.46 1.89 -12.75
N VAL B 3 1.80 1.61 -13.89
CA VAL B 3 2.33 0.78 -14.98
C VAL B 3 3.20 1.65 -15.90
N MET B 4 4.53 1.42 -15.86
CA MET B 4 5.53 2.14 -16.66
C MET B 4 5.77 1.42 -17.99
N THR B 5 5.37 2.06 -19.11
CA THR B 5 5.52 1.51 -20.45
C THR B 5 6.64 2.24 -21.19
N GLN B 6 7.69 1.49 -21.55
CA GLN B 6 8.86 1.98 -22.25
C GLN B 6 8.76 1.62 -23.74
N SER B 7 8.67 2.65 -24.61
CA SER B 7 8.53 2.50 -26.05
C SER B 7 9.63 3.20 -26.87
N PRO B 8 10.13 2.59 -27.98
CA PRO B 8 9.77 1.25 -28.49
C PRO B 8 10.49 0.16 -27.68
N ALA B 9 10.17 -1.13 -27.94
CA ALA B 9 10.81 -2.23 -27.24
C ALA B 9 12.33 -2.20 -27.46
N THR B 10 12.75 -1.99 -28.72
CA THR B 10 14.15 -1.88 -29.15
C THR B 10 14.24 -0.75 -30.20
N LEU B 11 15.35 0.01 -30.20
CA LEU B 11 15.53 1.11 -31.16
C LEU B 11 16.91 1.12 -31.79
N SER B 12 16.95 1.01 -33.13
CA SER B 12 18.17 1.02 -33.93
C SER B 12 18.61 2.44 -34.27
N VAL B 13 19.74 2.88 -33.69
CA VAL B 13 20.30 4.22 -33.86
C VAL B 13 21.79 4.11 -34.23
N SER B 14 22.20 4.79 -35.32
CA SER B 14 23.58 4.85 -35.81
C SER B 14 24.43 5.73 -34.88
N PRO B 15 25.76 5.50 -34.73
CA PRO B 15 26.56 6.38 -33.85
C PRO B 15 26.63 7.82 -34.36
N GLY B 16 26.85 8.75 -33.43
CA GLY B 16 26.92 10.18 -33.71
C GLY B 16 25.55 10.85 -33.78
N GLU B 17 24.50 10.05 -34.06
CA GLU B 17 23.10 10.48 -34.15
C GLU B 17 22.47 10.81 -32.78
N ARG B 18 21.18 11.21 -32.81
CA ARG B 18 20.35 11.58 -31.67
C ARG B 18 19.42 10.41 -31.32
N ALA B 19 19.49 9.93 -30.07
CA ALA B 19 18.67 8.83 -29.59
C ALA B 19 17.56 9.35 -28.67
N THR B 20 16.29 9.19 -29.11
CA THR B 20 15.11 9.63 -28.37
C THR B 20 14.37 8.41 -27.81
N LEU B 21 14.38 8.28 -26.48
CA LEU B 21 13.76 7.19 -25.74
C LEU B 21 12.51 7.68 -25.02
N SER B 22 11.42 6.91 -25.11
CA SER B 22 10.13 7.26 -24.50
C SER B 22 9.74 6.39 -23.30
N CYS B 23 9.02 7.00 -22.36
CA CYS B 23 8.51 6.36 -21.13
C CYS B 23 7.15 6.97 -20.79
N ARG B 24 6.11 6.12 -20.72
CA ARG B 24 4.77 6.56 -20.34
C ARG B 24 4.31 5.90 -19.04
N ALA B 25 3.44 6.59 -18.28
CA ALA B 25 2.90 6.11 -17.01
C ALA B 25 1.38 5.94 -17.09
N SER B 26 0.84 4.94 -16.36
CA SER B 26 -0.61 4.66 -16.33
C SER B 26 -1.40 5.76 -15.61
N GLN B 27 -0.68 6.57 -14.79
CA GLN B 27 -1.19 7.73 -14.04
C GLN B 27 -0.04 8.66 -13.67
N SER B 28 -0.35 9.96 -13.47
CA SER B 28 0.57 11.05 -13.15
C SER B 28 1.66 10.70 -12.14
N VAL B 29 2.90 10.92 -12.55
CA VAL B 29 4.09 10.67 -11.75
C VAL B 29 4.76 12.02 -11.41
N SER B 30 4.09 13.14 -11.76
CA SER B 30 4.56 14.51 -11.57
C SER B 30 5.94 14.64 -12.28
N SER B 31 7.00 15.09 -11.57
CA SER B 31 8.36 15.19 -12.09
C SER B 31 9.25 14.16 -11.37
N ASN B 32 8.63 13.11 -10.81
CA ASN B 32 9.34 12.08 -10.05
C ASN B 32 9.70 10.87 -10.91
N LEU B 33 10.49 11.14 -11.95
CA LEU B 33 10.96 10.12 -12.87
C LEU B 33 12.46 10.08 -12.95
N ALA B 34 13.01 8.86 -12.91
CA ALA B 34 14.45 8.65 -13.03
C ALA B 34 14.74 7.78 -14.26
N TRP B 35 15.98 7.86 -14.75
CA TRP B 35 16.48 7.09 -15.88
C TRP B 35 17.72 6.32 -15.50
N TYR B 36 17.79 5.07 -15.95
CA TYR B 36 18.92 4.17 -15.67
C TYR B 36 19.52 3.59 -16.94
N GLN B 37 20.86 3.46 -16.94
CA GLN B 37 21.61 2.82 -18.01
C GLN B 37 22.02 1.43 -17.52
N GLN B 38 21.76 0.38 -18.32
CA GLN B 38 22.17 -0.97 -17.97
C GLN B 38 22.83 -1.72 -19.12
N LYS B 39 24.12 -2.04 -18.94
CA LYS B 39 24.93 -2.84 -19.88
C LYS B 39 24.84 -4.32 -19.39
N PRO B 40 24.82 -5.34 -20.31
CA PRO B 40 24.69 -6.74 -19.84
C PRO B 40 25.69 -7.18 -18.77
N GLY B 41 25.17 -7.80 -17.71
CA GLY B 41 25.93 -8.27 -16.57
C GLY B 41 26.39 -7.19 -15.60
N GLN B 42 25.73 -6.01 -15.63
CA GLN B 42 26.11 -4.87 -14.78
C GLN B 42 24.92 -4.28 -14.02
N ALA B 43 25.21 -3.59 -12.90
CA ALA B 43 24.21 -2.92 -12.07
C ALA B 43 23.73 -1.65 -12.77
N PRO B 44 22.45 -1.22 -12.62
CA PRO B 44 22.01 0.01 -13.29
C PRO B 44 22.76 1.24 -12.78
N ARG B 45 23.02 2.17 -13.71
CA ARG B 45 23.69 3.43 -13.40
C ARG B 45 22.64 4.54 -13.57
N LEU B 46 22.48 5.36 -12.52
CA LEU B 46 21.54 6.49 -12.55
C LEU B 46 22.09 7.58 -13.48
N LEU B 47 21.26 8.04 -14.43
CA LEU B 47 21.61 9.08 -15.40
C LEU B 47 20.85 10.37 -15.08
N ILE B 48 19.51 10.27 -15.12
CA ILE B 48 18.56 11.37 -14.90
C ILE B 48 17.65 11.10 -13.71
N TYR B 49 17.30 12.17 -12.97
CA TYR B 49 16.36 12.18 -11.85
C TYR B 49 15.61 13.50 -11.87
N GLY B 50 14.42 13.53 -11.31
CA GLY B 50 13.60 14.73 -11.30
C GLY B 50 13.14 15.06 -12.71
N ALA B 51 13.02 14.00 -13.56
CA ALA B 51 12.64 13.98 -14.97
C ALA B 51 13.63 14.65 -15.94
N SER B 52 14.45 15.62 -15.45
CA SER B 52 15.39 16.41 -16.25
C SER B 52 16.78 16.66 -15.64
N THR B 53 16.94 16.53 -14.31
CA THR B 53 18.24 16.76 -13.64
C THR B 53 19.21 15.60 -13.91
N ARG B 54 20.48 15.91 -14.14
CA ARG B 54 21.54 14.96 -14.44
C ARG B 54 22.29 14.57 -13.17
N ALA B 55 22.53 13.25 -12.97
CA ALA B 55 23.25 12.72 -11.81
C ALA B 55 24.72 13.15 -11.88
N THR B 56 25.32 13.44 -10.72
CA THR B 56 26.71 13.92 -10.62
C THR B 56 27.69 12.97 -11.32
N GLY B 57 28.53 13.53 -12.18
CA GLY B 57 29.53 12.78 -12.94
C GLY B 57 29.08 12.28 -14.30
N ILE B 58 27.77 12.37 -14.61
CA ILE B 58 27.21 11.91 -15.90
C ILE B 58 27.56 12.92 -17.01
N PRO B 59 28.22 12.48 -18.10
CA PRO B 59 28.55 13.43 -19.19
C PRO B 59 27.33 14.12 -19.80
N ALA B 60 27.51 15.38 -20.16
CA ALA B 60 26.52 16.34 -20.64
C ALA B 60 25.69 15.93 -21.89
N ARG B 61 26.07 14.86 -22.62
CA ARG B 61 25.31 14.42 -23.81
C ARG B 61 23.95 13.80 -23.44
N PHE B 62 23.79 13.39 -22.17
CA PHE B 62 22.56 12.82 -21.63
C PHE B 62 21.64 13.90 -21.05
N SER B 63 20.37 13.90 -21.49
CA SER B 63 19.36 14.84 -21.02
C SER B 63 17.98 14.17 -20.97
N GLY B 64 17.06 14.79 -20.25
CA GLY B 64 15.68 14.33 -20.12
C GLY B 64 14.67 15.45 -20.02
N SER B 65 13.40 15.13 -20.32
CA SER B 65 12.26 16.07 -20.28
C SER B 65 10.93 15.31 -20.05
N GLY B 66 9.89 16.06 -19.70
CA GLY B 66 8.55 15.51 -19.51
C GLY B 66 7.99 15.70 -18.12
N SER B 67 6.66 15.48 -17.98
CA SER B 67 5.91 15.57 -16.74
C SER B 67 4.60 14.79 -16.88
N GLY B 68 4.00 14.43 -15.76
CA GLY B 68 2.73 13.70 -15.72
C GLY B 68 2.83 12.25 -16.11
N THR B 69 2.30 11.91 -17.29
CA THR B 69 2.26 10.55 -17.83
C THR B 69 3.18 10.29 -19.04
N GLU B 70 3.83 11.34 -19.63
CA GLU B 70 4.70 11.17 -20.80
C GLU B 70 6.07 11.79 -20.58
N PHE B 71 7.14 11.00 -20.79
CA PHE B 71 8.52 11.42 -20.57
C PHE B 71 9.42 11.02 -21.74
N THR B 72 10.62 11.63 -21.81
CA THR B 72 11.60 11.40 -22.87
C THR B 72 13.02 11.49 -22.31
N LEU B 73 13.90 10.61 -22.79
CA LEU B 73 15.34 10.62 -22.53
C LEU B 73 15.98 10.89 -23.89
N THR B 74 16.97 11.80 -23.94
CA THR B 74 17.64 12.14 -25.18
C THR B 74 19.17 12.02 -25.02
N ILE B 75 19.80 11.36 -26.01
CA ILE B 75 21.25 11.19 -26.13
C ILE B 75 21.59 11.87 -27.46
N SER B 76 21.80 13.21 -27.40
CA SER B 76 22.08 14.09 -28.55
C SER B 76 23.12 13.52 -29.53
N SER B 77 24.26 13.03 -28.99
CA SER B 77 25.33 12.43 -29.77
C SER B 77 25.65 11.05 -29.17
N LEU B 78 25.18 10.00 -29.84
CA LEU B 78 25.34 8.61 -29.40
C LEU B 78 26.77 8.10 -29.62
N GLN B 79 27.44 7.71 -28.52
CA GLN B 79 28.81 7.19 -28.55
C GLN B 79 28.85 5.65 -28.58
N SER B 80 30.06 5.04 -28.57
CA SER B 80 30.27 3.58 -28.61
C SER B 80 29.80 2.93 -27.31
N GLU B 81 30.23 3.49 -26.17
CA GLU B 81 29.88 3.04 -24.82
C GLU B 81 28.39 3.20 -24.50
N ASP B 82 27.72 4.16 -25.17
CA ASP B 82 26.31 4.48 -24.99
C ASP B 82 25.34 3.34 -25.33
N PHE B 83 25.75 2.36 -26.16
CA PHE B 83 24.89 1.22 -26.51
C PHE B 83 24.67 0.30 -25.31
N ALA B 84 23.43 0.33 -24.79
CA ALA B 84 22.98 -0.42 -23.61
C ALA B 84 21.44 -0.46 -23.58
N VAL B 85 20.86 -1.05 -22.51
CA VAL B 85 19.42 -1.09 -22.27
C VAL B 85 19.13 0.10 -21.34
N TYR B 86 18.01 0.79 -21.56
CA TYR B 86 17.64 1.94 -20.73
C TYR B 86 16.33 1.72 -20.02
N TYR B 87 16.31 1.98 -18.71
CA TYR B 87 15.08 1.83 -17.88
C TYR B 87 14.61 3.16 -17.29
N CYS B 88 13.29 3.38 -17.26
CA CYS B 88 12.70 4.54 -16.60
C CYS B 88 12.09 4.09 -15.28
N GLN B 89 12.19 4.90 -14.23
CA GLN B 89 11.65 4.54 -12.92
C GLN B 89 10.79 5.65 -12.32
N GLN B 90 9.59 5.28 -11.83
CA GLN B 90 8.75 6.23 -11.10
C GLN B 90 9.03 6.12 -9.61
N TYR B 91 8.99 7.26 -8.91
CA TYR B 91 9.17 7.36 -7.47
C TYR B 91 8.18 8.37 -6.90
N ASN B 92 7.00 8.42 -7.53
CA ASN B 92 5.88 9.26 -7.14
C ASN B 92 4.97 8.49 -6.15
N ASN B 93 4.72 7.21 -6.42
CA ASN B 93 3.90 6.31 -5.59
C ASN B 93 4.67 5.09 -5.12
N TRP B 94 4.53 4.74 -3.83
CA TRP B 94 5.14 3.56 -3.19
C TRP B 94 4.34 3.09 -1.95
N PRO B 95 4.20 1.77 -1.72
CA PRO B 95 4.68 0.66 -2.54
C PRO B 95 3.67 0.25 -3.62
N PRO B 96 4.12 -0.32 -4.76
CA PRO B 96 5.52 -0.62 -5.13
C PRO B 96 6.17 0.43 -6.03
N LEU B 97 7.51 0.57 -5.92
CA LEU B 97 8.27 1.45 -6.82
C LEU B 97 8.33 0.67 -8.11
N THR B 98 7.96 1.28 -9.24
CA THR B 98 7.94 0.55 -10.50
C THR B 98 8.92 1.10 -11.52
N PHE B 99 9.44 0.19 -12.35
CA PHE B 99 10.38 0.45 -13.44
C PHE B 99 9.67 0.08 -14.73
N GLY B 100 10.16 0.62 -15.85
CA GLY B 100 9.66 0.31 -17.18
C GLY B 100 10.32 -0.94 -17.72
N GLY B 101 9.71 -1.53 -18.75
CA GLY B 101 10.20 -2.75 -19.40
C GLY B 101 11.54 -2.63 -20.08
N GLY B 102 12.02 -1.41 -20.25
CA GLY B 102 13.30 -1.11 -20.86
C GLY B 102 13.30 -0.99 -22.37
N THR B 103 14.26 -0.21 -22.88
CA THR B 103 14.47 -0.01 -24.31
C THR B 103 15.94 -0.31 -24.61
N LYS B 104 16.18 -1.32 -25.47
CA LYS B 104 17.52 -1.71 -25.90
C LYS B 104 17.88 -0.82 -27.08
N VAL B 105 18.96 -0.08 -26.97
CA VAL B 105 19.39 0.77 -28.07
C VAL B 105 20.59 0.12 -28.74
N GLU B 106 20.32 -0.49 -29.91
CA GLU B 106 21.27 -1.21 -30.74
C GLU B 106 21.94 -0.30 -31.78
N ILE B 107 23.05 -0.77 -32.38
CA ILE B 107 23.75 -0.05 -33.45
C ILE B 107 23.05 -0.35 -34.77
N LYS B 108 22.80 0.69 -35.59
CA LYS B 108 22.09 0.54 -36.85
C LYS B 108 22.99 0.06 -38.00
N ARG B 109 22.38 -0.70 -38.92
CA ARG B 109 22.98 -1.28 -40.13
C ARG B 109 21.86 -1.66 -41.12
N THR B 110 22.24 -2.14 -42.32
CA THR B 110 21.33 -2.57 -43.39
C THR B 110 20.46 -3.78 -43.00
N VAL B 111 19.33 -3.96 -43.68
CA VAL B 111 18.42 -5.09 -43.43
C VAL B 111 19.02 -6.38 -44.01
N ALA B 112 19.51 -7.26 -43.11
CA ALA B 112 20.11 -8.55 -43.48
C ALA B 112 19.19 -9.71 -43.18
N ALA B 113 18.84 -10.49 -44.23
CA ALA B 113 17.99 -11.66 -44.10
C ALA B 113 18.79 -12.79 -43.42
N PRO B 114 18.15 -13.65 -42.59
CA PRO B 114 18.91 -14.71 -41.92
C PRO B 114 19.21 -15.89 -42.83
N SER B 115 20.30 -16.59 -42.52
CA SER B 115 20.67 -17.83 -43.17
C SER B 115 19.93 -18.87 -42.34
N VAL B 116 18.89 -19.51 -42.91
CA VAL B 116 18.09 -20.46 -42.15
C VAL B 116 18.54 -21.90 -42.37
N PHE B 117 18.95 -22.59 -41.28
CA PHE B 117 19.38 -23.99 -41.35
C PHE B 117 18.69 -24.87 -40.31
N ILE B 118 18.24 -26.07 -40.73
CA ILE B 118 17.59 -27.05 -39.85
C ILE B 118 18.50 -28.26 -39.62
N PHE B 119 18.68 -28.63 -38.34
CA PHE B 119 19.49 -29.75 -37.90
C PHE B 119 18.67 -30.90 -37.31
N PRO B 120 18.69 -32.09 -37.95
CA PRO B 120 17.98 -33.24 -37.37
C PRO B 120 18.67 -33.73 -36.10
N PRO B 121 18.00 -34.53 -35.22
CA PRO B 121 18.72 -35.04 -34.04
C PRO B 121 19.73 -36.11 -34.43
N SER B 122 20.85 -36.18 -33.71
CA SER B 122 21.90 -37.18 -33.96
C SER B 122 21.43 -38.57 -33.50
N ASP B 123 22.08 -39.65 -34.01
CA ASP B 123 21.77 -41.03 -33.62
C ASP B 123 22.08 -41.23 -32.13
N GLU B 124 23.16 -40.58 -31.63
CA GLU B 124 23.64 -40.59 -30.24
C GLU B 124 22.54 -40.12 -29.28
N GLN B 125 21.78 -39.08 -29.67
CA GLN B 125 20.69 -38.57 -28.85
C GLN B 125 19.48 -39.47 -28.99
N LEU B 126 19.23 -39.98 -30.20
CA LEU B 126 18.12 -40.88 -30.50
C LEU B 126 18.25 -42.21 -29.76
N LYS B 127 19.50 -42.70 -29.56
CA LYS B 127 19.82 -43.91 -28.81
C LYS B 127 19.39 -43.73 -27.34
N SER B 128 19.42 -42.47 -26.85
CA SER B 128 18.94 -42.09 -25.51
C SER B 128 17.42 -41.79 -25.63
N GLY B 129 16.82 -41.26 -24.57
CA GLY B 129 15.38 -40.99 -24.57
C GLY B 129 14.88 -39.89 -25.50
N THR B 130 15.40 -38.67 -25.30
CA THR B 130 15.04 -37.42 -25.95
C THR B 130 15.54 -37.27 -27.41
N ALA B 131 14.89 -36.38 -28.20
CA ALA B 131 15.20 -36.04 -29.59
C ALA B 131 15.11 -34.51 -29.76
N SER B 132 16.24 -33.85 -30.06
CA SER B 132 16.27 -32.39 -30.22
C SER B 132 16.55 -31.95 -31.65
N VAL B 133 15.61 -31.19 -32.23
CA VAL B 133 15.71 -30.64 -33.59
C VAL B 133 16.04 -29.17 -33.44
N VAL B 134 17.09 -28.69 -34.14
CA VAL B 134 17.56 -27.31 -34.02
C VAL B 134 17.34 -26.51 -35.32
N CYS B 135 16.78 -25.29 -35.19
CA CYS B 135 16.58 -24.32 -36.27
C CYS B 135 17.53 -23.18 -35.95
N LEU B 136 18.41 -22.87 -36.90
CA LEU B 136 19.40 -21.82 -36.75
C LEU B 136 19.18 -20.70 -37.77
N LEU B 137 19.11 -19.46 -37.28
CA LEU B 137 18.98 -18.25 -38.11
C LEU B 137 20.17 -17.41 -37.71
N ASN B 138 21.21 -17.36 -38.54
CA ASN B 138 22.38 -16.58 -38.11
C ASN B 138 22.70 -15.41 -39.02
N ASN B 139 23.36 -14.40 -38.42
CA ASN B 139 23.84 -13.15 -39.02
C ASN B 139 22.72 -12.36 -39.73
N PHE B 140 21.60 -12.11 -39.01
CA PHE B 140 20.45 -11.35 -39.52
C PHE B 140 20.27 -9.98 -38.86
N TYR B 141 19.35 -9.16 -39.42
CA TYR B 141 19.00 -7.80 -38.97
C TYR B 141 17.65 -7.34 -39.60
N PRO B 142 16.67 -6.80 -38.84
CA PRO B 142 16.65 -6.54 -37.37
C PRO B 142 16.47 -7.80 -36.52
N ARG B 143 16.67 -7.66 -35.18
CA ARG B 143 16.56 -8.74 -34.18
C ARG B 143 15.23 -9.47 -34.23
N GLU B 144 14.09 -8.75 -34.26
CA GLU B 144 12.79 -9.40 -34.23
C GLU B 144 12.50 -10.19 -35.50
N ALA B 145 12.24 -11.49 -35.29
CA ALA B 145 11.91 -12.52 -36.28
C ALA B 145 10.99 -13.52 -35.59
N LYS B 146 10.27 -14.33 -36.38
CA LYS B 146 9.37 -15.33 -35.81
C LYS B 146 9.59 -16.73 -36.40
N VAL B 147 10.13 -17.64 -35.56
CA VAL B 147 10.39 -19.03 -35.94
C VAL B 147 9.21 -19.90 -35.47
N GLN B 148 8.54 -20.55 -36.42
CA GLN B 148 7.39 -21.41 -36.16
C GLN B 148 7.73 -22.84 -36.54
N TRP B 149 7.50 -23.78 -35.62
CA TRP B 149 7.77 -25.19 -35.85
C TRP B 149 6.56 -25.91 -36.45
N LYS B 150 6.78 -26.65 -37.54
CA LYS B 150 5.74 -27.40 -38.23
C LYS B 150 6.16 -28.84 -38.46
N VAL B 151 5.37 -29.78 -37.93
CA VAL B 151 5.61 -31.22 -38.06
C VAL B 151 4.36 -31.89 -38.67
N ASP B 152 4.47 -32.31 -39.96
CA ASP B 152 3.41 -32.89 -40.80
C ASP B 152 2.30 -31.83 -41.01
N ASN B 153 2.73 -30.59 -41.31
CA ASN B 153 1.93 -29.37 -41.54
C ASN B 153 1.23 -28.86 -40.25
N ALA B 154 1.36 -29.61 -39.14
CA ALA B 154 0.77 -29.25 -37.84
C ALA B 154 1.71 -28.39 -37.01
N LEU B 155 1.25 -27.18 -36.63
CA LEU B 155 1.98 -26.18 -35.84
C LEU B 155 2.36 -26.71 -34.45
N GLN B 156 3.38 -26.10 -33.80
CA GLN B 156 3.84 -26.54 -32.49
C GLN B 156 3.56 -25.54 -31.37
N SER B 157 2.99 -26.06 -30.27
CA SER B 157 2.62 -25.31 -29.07
C SER B 157 3.55 -25.62 -27.90
N GLY B 158 4.25 -24.59 -27.43
CA GLY B 158 5.19 -24.63 -26.30
C GLY B 158 6.07 -25.86 -26.17
N ASN B 159 6.46 -26.44 -27.32
CA ASN B 159 7.28 -27.65 -27.45
C ASN B 159 8.73 -27.30 -27.84
N SER B 160 9.09 -26.01 -27.73
CA SER B 160 10.41 -25.51 -28.11
C SER B 160 10.89 -24.35 -27.23
N GLN B 161 12.21 -24.11 -27.27
CA GLN B 161 12.89 -23.02 -26.56
C GLN B 161 13.83 -22.31 -27.54
N GLU B 162 14.11 -21.03 -27.30
CA GLU B 162 15.00 -20.26 -28.18
C GLU B 162 15.87 -19.27 -27.42
N SER B 163 17.03 -18.94 -28.02
CA SER B 163 17.98 -17.98 -27.47
C SER B 163 18.65 -17.18 -28.59
N VAL B 164 18.99 -15.92 -28.29
CA VAL B 164 19.59 -14.97 -29.22
C VAL B 164 20.92 -14.49 -28.63
N THR B 165 21.92 -14.32 -29.49
CA THR B 165 23.22 -13.79 -29.08
C THR B 165 23.15 -12.27 -29.03
N GLU B 166 24.08 -11.64 -28.29
CA GLU B 166 24.20 -10.19 -28.23
C GLU B 166 24.78 -9.74 -29.58
N GLN B 167 24.32 -8.57 -30.09
CA GLN B 167 24.73 -7.96 -31.36
C GLN B 167 26.24 -8.11 -31.60
N ASP B 168 26.60 -8.60 -32.80
CA ASP B 168 27.98 -8.87 -33.23
C ASP B 168 28.88 -7.64 -33.13
N SER B 169 30.12 -7.82 -32.68
CA SER B 169 31.08 -6.73 -32.51
C SER B 169 31.58 -6.11 -33.83
N LYS B 170 31.54 -6.87 -34.95
CA LYS B 170 32.01 -6.39 -36.25
C LYS B 170 30.90 -6.03 -37.24
N ASP B 171 30.01 -6.99 -37.57
CA ASP B 171 28.96 -6.73 -38.55
C ASP B 171 27.58 -6.42 -37.92
N SER B 172 27.52 -6.26 -36.57
CA SER B 172 26.32 -5.88 -35.79
C SER B 172 25.04 -6.66 -36.15
N THR B 173 25.19 -7.95 -36.46
CA THR B 173 24.05 -8.82 -36.78
C THR B 173 23.63 -9.61 -35.54
N TYR B 174 22.51 -10.33 -35.65
CA TYR B 174 22.01 -11.18 -34.57
C TYR B 174 21.96 -12.64 -35.03
N SER B 175 22.04 -13.57 -34.08
CA SER B 175 21.90 -14.99 -34.37
C SER B 175 20.92 -15.60 -33.39
N LEU B 176 19.98 -16.39 -33.93
CA LEU B 176 18.95 -17.07 -33.17
C LEU B 176 19.06 -18.59 -33.37
N SER B 177 18.81 -19.33 -32.27
CA SER B 177 18.77 -20.80 -32.24
C SER B 177 17.48 -21.21 -31.55
N SER B 178 16.72 -22.12 -32.17
CA SER B 178 15.46 -22.63 -31.62
C SER B 178 15.50 -24.15 -31.60
N THR B 179 15.28 -24.74 -30.41
CA THR B 179 15.34 -26.19 -30.21
C THR B 179 13.97 -26.82 -29.90
N LEU B 180 13.52 -27.68 -30.82
CA LEU B 180 12.28 -28.45 -30.73
C LEU B 180 12.63 -29.79 -30.07
N THR B 181 12.23 -29.95 -28.81
CA THR B 181 12.50 -31.13 -28.00
C THR B 181 11.31 -32.10 -28.02
N LEU B 182 11.58 -33.36 -28.39
CA LEU B 182 10.60 -34.46 -28.45
C LEU B 182 11.17 -35.66 -27.68
N SER B 183 10.90 -36.89 -28.17
CA SER B 183 11.36 -38.16 -27.60
C SER B 183 10.98 -39.29 -28.56
N LYS B 184 11.14 -40.54 -28.16
CA LYS B 184 10.73 -41.69 -28.95
C LYS B 184 9.58 -42.42 -28.20
N ALA B 185 8.46 -42.76 -28.87
CA ALA B 185 8.21 -42.67 -30.31
C ALA B 185 7.52 -41.35 -30.78
N ASP B 186 7.72 -40.22 -30.07
CA ASP B 186 7.16 -38.93 -30.47
C ASP B 186 7.77 -38.47 -31.81
N TYR B 187 9.11 -38.59 -31.95
CA TYR B 187 9.87 -38.25 -33.16
C TYR B 187 9.67 -39.36 -34.19
N GLU B 188 9.51 -40.61 -33.72
CA GLU B 188 9.30 -41.79 -34.55
C GLU B 188 7.86 -41.88 -35.10
N LYS B 189 6.95 -40.99 -34.62
CA LYS B 189 5.55 -40.93 -35.04
C LYS B 189 5.42 -40.28 -36.42
N HIS B 190 6.00 -39.07 -36.56
CA HIS B 190 5.94 -38.25 -37.76
C HIS B 190 7.14 -38.37 -38.71
N LYS B 191 6.96 -37.89 -39.95
CA LYS B 191 7.94 -37.95 -41.04
C LYS B 191 8.60 -36.59 -41.31
N VAL B 192 7.81 -35.58 -41.72
CA VAL B 192 8.27 -34.24 -42.07
C VAL B 192 8.46 -33.35 -40.84
N TYR B 193 9.63 -32.70 -40.74
CA TYR B 193 10.02 -31.80 -39.66
C TYR B 193 10.56 -30.52 -40.27
N ALA B 194 9.95 -29.37 -39.93
CA ALA B 194 10.33 -28.08 -40.51
C ALA B 194 10.22 -26.88 -39.58
N CYS B 195 10.94 -25.80 -39.92
CA CYS B 195 10.84 -24.52 -39.22
C CYS B 195 10.62 -23.38 -40.23
N GLU B 196 9.47 -22.68 -40.07
CA GLU B 196 9.04 -21.55 -40.90
C GLU B 196 9.57 -20.28 -40.26
N VAL B 197 10.28 -19.44 -41.04
CA VAL B 197 10.89 -18.22 -40.53
C VAL B 197 10.33 -16.98 -41.20
N THR B 198 9.82 -16.04 -40.38
CA THR B 198 9.26 -14.78 -40.83
C THR B 198 10.24 -13.68 -40.42
N HIS B 199 10.74 -12.93 -41.41
CA HIS B 199 11.68 -11.84 -41.20
C HIS B 199 11.53 -10.73 -42.26
N GLU B 200 11.96 -9.50 -41.89
CA GLU B 200 11.95 -8.29 -42.72
C GLU B 200 12.82 -8.46 -44.00
N GLY B 201 13.95 -9.17 -43.85
CA GLY B 201 14.92 -9.43 -44.90
C GLY B 201 14.47 -10.16 -46.16
N LEU B 202 13.36 -10.93 -46.10
CA LEU B 202 12.89 -11.65 -47.29
C LEU B 202 11.37 -11.60 -47.49
N SER B 203 10.96 -11.56 -48.78
CA SER B 203 9.61 -11.48 -49.34
C SER B 203 8.57 -12.41 -48.68
N SER B 204 8.76 -13.74 -48.79
CA SER B 204 7.87 -14.77 -48.26
C SER B 204 8.51 -15.55 -47.08
N PRO B 205 7.74 -16.27 -46.22
CA PRO B 205 8.38 -17.01 -45.11
C PRO B 205 9.32 -18.13 -45.59
N VAL B 206 10.52 -18.20 -45.01
CA VAL B 206 11.54 -19.18 -45.37
C VAL B 206 11.26 -20.50 -44.64
N THR B 207 11.04 -21.58 -45.41
CA THR B 207 10.76 -22.91 -44.86
C THR B 207 11.89 -23.90 -45.18
N LYS B 208 12.51 -24.46 -44.13
CA LYS B 208 13.57 -25.45 -44.28
C LYS B 208 13.10 -26.73 -43.61
N SER B 209 13.14 -27.86 -44.33
CA SER B 209 12.64 -29.13 -43.81
C SER B 209 13.53 -30.34 -44.07
N PHE B 210 13.21 -31.46 -43.40
CA PHE B 210 13.85 -32.77 -43.53
C PHE B 210 12.86 -33.89 -43.24
N ASN B 211 13.05 -35.04 -43.89
CA ASN B 211 12.22 -36.24 -43.70
C ASN B 211 13.05 -37.30 -42.97
N ARG B 212 12.49 -37.85 -41.87
CA ARG B 212 13.10 -38.88 -41.02
C ARG B 212 13.50 -40.10 -41.88
N GLY B 213 14.79 -40.15 -42.23
CA GLY B 213 15.38 -41.20 -43.07
C GLY B 213 15.97 -40.66 -44.35
N GLN C 1 0.09 24.89 18.74
CA GLN C 1 0.26 25.49 17.42
C GLN C 1 -0.34 24.60 16.31
N VAL C 2 -0.05 23.29 16.34
CA VAL C 2 -0.55 22.33 15.35
C VAL C 2 -2.06 22.09 15.56
N GLN C 3 -2.87 22.52 14.57
CA GLN C 3 -4.32 22.40 14.58
C GLN C 3 -4.87 22.00 13.21
N LEU C 4 -6.07 21.39 13.21
CA LEU C 4 -6.79 20.91 12.02
C LEU C 4 -8.27 21.25 12.22
N VAL C 5 -8.76 22.27 11.48
CA VAL C 5 -10.14 22.77 11.61
C VAL C 5 -11.00 22.35 10.42
N GLN C 6 -12.14 21.71 10.70
CA GLN C 6 -13.06 21.23 9.65
C GLN C 6 -14.27 22.14 9.49
N SER C 7 -14.90 22.08 8.28
CA SER C 7 -16.10 22.84 7.98
C SER C 7 -17.28 22.33 8.85
N GLY C 8 -18.31 23.16 8.99
CA GLY C 8 -19.48 22.85 9.82
C GLY C 8 -20.36 21.73 9.34
N ALA C 9 -21.25 21.26 10.24
CA ALA C 9 -22.21 20.18 9.99
C ALA C 9 -23.12 20.48 8.81
N GLU C 10 -23.31 19.47 7.96
CA GLU C 10 -24.11 19.56 6.75
C GLU C 10 -25.32 18.67 6.83
N VAL C 11 -26.36 19.06 6.10
CA VAL C 11 -27.58 18.30 5.92
C VAL C 11 -27.82 18.27 4.42
N LYS C 12 -27.74 17.07 3.84
CA LYS C 12 -27.88 16.90 2.40
C LYS C 12 -28.94 15.86 2.11
N LYS C 13 -29.67 16.04 1.01
CA LYS C 13 -30.73 15.11 0.61
C LYS C 13 -30.15 13.82 0.02
N PRO C 14 -30.85 12.66 0.08
CA PRO C 14 -30.29 11.46 -0.57
C PRO C 14 -30.16 11.68 -2.08
N GLY C 15 -29.08 11.17 -2.67
CA GLY C 15 -28.79 11.34 -4.09
C GLY C 15 -27.88 12.52 -4.35
N ALA C 16 -27.90 13.52 -3.45
CA ALA C 16 -27.07 14.73 -3.56
C ALA C 16 -25.61 14.42 -3.22
N SER C 17 -24.71 15.39 -3.46
CA SER C 17 -23.28 15.28 -3.20
C SER C 17 -22.91 16.17 -2.01
N VAL C 18 -21.79 15.87 -1.34
CA VAL C 18 -21.31 16.63 -0.18
C VAL C 18 -19.80 16.78 -0.23
N LYS C 19 -19.31 17.99 0.07
CA LYS C 19 -17.90 18.32 0.12
C LYS C 19 -17.58 18.82 1.51
N VAL C 20 -16.51 18.29 2.11
CA VAL C 20 -16.07 18.63 3.46
C VAL C 20 -14.68 19.22 3.35
N SER C 21 -14.45 20.33 4.06
CA SER C 21 -13.15 21.01 4.06
C SER C 21 -12.42 20.68 5.35
N CYS C 22 -11.09 20.66 5.25
CA CYS C 22 -10.18 20.42 6.37
C CYS C 22 -9.01 21.44 6.25
N LYS C 23 -9.05 22.48 7.09
CA LYS C 23 -8.06 23.55 7.10
C LYS C 23 -6.93 23.20 8.05
N ALA C 24 -5.72 23.11 7.49
CA ALA C 24 -4.49 22.82 8.22
C ALA C 24 -3.78 24.13 8.53
N SER C 25 -3.28 24.25 9.76
CA SER C 25 -2.55 25.43 10.24
C SER C 25 -1.62 24.99 11.36
N GLY C 26 -0.51 25.71 11.51
CA GLY C 26 0.51 25.40 12.51
C GLY C 26 1.63 24.54 11.95
N PHE C 27 1.49 24.13 10.66
CA PHE C 27 2.44 23.29 9.93
C PHE C 27 2.22 23.40 8.40
N ASN C 28 3.18 22.89 7.61
CA ASN C 28 3.07 22.90 6.15
C ASN C 28 2.30 21.65 5.71
N ILE C 29 1.15 21.84 5.03
CA ILE C 29 0.28 20.75 4.55
C ILE C 29 1.00 19.84 3.51
N LYS C 30 1.94 20.41 2.72
CA LYS C 30 2.71 19.68 1.72
C LYS C 30 3.77 18.73 2.32
N ASP C 31 3.95 18.78 3.66
CA ASP C 31 4.90 17.96 4.43
C ASP C 31 4.25 16.76 5.15
N THR C 32 2.91 16.68 5.13
CA THR C 32 2.14 15.62 5.79
C THR C 32 1.12 15.03 4.84
N TYR C 33 0.62 13.80 5.11
CA TYR C 33 -0.47 13.22 4.33
C TYR C 33 -1.75 13.62 5.07
N ILE C 34 -2.87 13.71 4.36
CA ILE C 34 -4.16 14.02 4.97
C ILE C 34 -5.11 12.87 4.71
N HIS C 35 -5.64 12.28 5.79
CA HIS C 35 -6.54 11.16 5.71
C HIS C 35 -7.95 11.57 6.03
N TRP C 36 -8.91 10.85 5.45
CA TRP C 36 -10.32 10.98 5.73
C TRP C 36 -10.78 9.66 6.32
N VAL C 37 -11.42 9.74 7.49
CA VAL C 37 -11.93 8.60 8.24
C VAL C 37 -13.37 8.93 8.62
N ARG C 38 -14.30 7.97 8.51
CA ARG C 38 -15.70 8.22 8.92
C ARG C 38 -16.11 7.34 10.11
N GLN C 39 -17.21 7.73 10.80
CA GLN C 39 -17.69 7.02 11.97
C GLN C 39 -19.15 7.28 12.25
N ALA C 40 -19.96 6.23 12.22
CA ALA C 40 -21.37 6.27 12.58
C ALA C 40 -21.39 6.19 14.14
N PRO C 41 -22.38 6.79 14.85
CA PRO C 41 -22.37 6.75 16.31
C PRO C 41 -22.47 5.34 16.89
N GLY C 42 -21.61 5.07 17.88
CA GLY C 42 -21.50 3.77 18.55
C GLY C 42 -20.90 2.71 17.65
N GLN C 43 -20.19 3.13 16.60
CA GLN C 43 -19.56 2.27 15.61
C GLN C 43 -18.07 2.64 15.39
N ARG C 44 -17.36 1.80 14.63
CA ARG C 44 -15.93 1.88 14.37
C ARG C 44 -15.49 3.02 13.45
N LEU C 45 -14.21 3.37 13.57
CA LEU C 45 -13.57 4.33 12.67
C LEU C 45 -13.31 3.56 11.36
N GLU C 46 -13.73 4.12 10.22
CA GLU C 46 -13.54 3.49 8.92
C GLU C 46 -12.68 4.41 8.07
N TRP C 47 -11.45 3.96 7.74
CA TRP C 47 -10.54 4.71 6.88
C TRP C 47 -11.11 4.75 5.46
N MET C 48 -11.15 5.94 4.84
CA MET C 48 -11.71 6.11 3.50
C MET C 48 -10.63 6.30 2.44
N GLY C 49 -9.63 7.09 2.78
CA GLY C 49 -8.57 7.43 1.86
C GLY C 49 -7.54 8.36 2.42
N ARG C 50 -6.51 8.61 1.62
CA ARG C 50 -5.34 9.42 1.91
C ARG C 50 -5.02 10.30 0.67
N ILE C 51 -4.34 11.44 0.91
CA ILE C 51 -3.83 12.35 -0.10
C ILE C 51 -2.44 12.83 0.30
N ASP C 52 -1.53 12.85 -0.66
CA ASP C 52 -0.22 13.47 -0.52
C ASP C 52 -0.50 14.83 -1.19
N PRO C 53 -0.58 15.97 -0.46
CA PRO C 53 -0.96 17.23 -1.11
C PRO C 53 0.10 17.83 -2.02
N ALA C 54 1.40 17.56 -1.73
CA ALA C 54 2.55 18.03 -2.51
C ALA C 54 2.51 17.58 -3.98
N ASN C 55 2.07 16.34 -4.24
CA ASN C 55 1.96 15.78 -5.59
C ASN C 55 0.51 15.43 -6.00
N GLY C 56 -0.41 15.56 -5.06
CA GLY C 56 -1.83 15.26 -5.26
C GLY C 56 -2.16 13.78 -5.38
N TYR C 57 -1.21 12.88 -5.00
CA TYR C 57 -1.44 11.44 -5.09
C TYR C 57 -2.42 10.94 -4.05
N THR C 58 -3.44 10.22 -4.51
CA THR C 58 -4.50 9.68 -3.67
C THR C 58 -4.57 8.16 -3.64
N LYS C 59 -4.83 7.61 -2.44
CA LYS C 59 -5.02 6.18 -2.17
C LYS C 59 -6.36 6.05 -1.44
N TYR C 60 -7.30 5.32 -2.02
CA TYR C 60 -8.61 5.14 -1.40
C TYR C 60 -8.83 3.71 -0.91
N ASP C 61 -9.97 3.49 -0.25
CA ASP C 61 -10.39 2.18 0.19
C ASP C 61 -11.32 1.68 -0.90
N PRO C 62 -11.13 0.44 -1.43
CA PRO C 62 -12.00 -0.05 -2.53
C PRO C 62 -13.50 0.02 -2.31
N LYS C 63 -13.99 0.01 -1.06
CA LYS C 63 -15.42 0.14 -0.79
C LYS C 63 -15.91 1.59 -1.00
N PHE C 64 -14.98 2.55 -0.88
CA PHE C 64 -15.24 3.99 -1.05
C PHE C 64 -14.79 4.53 -2.42
N GLN C 65 -13.98 3.74 -3.16
CA GLN C 65 -13.46 4.07 -4.48
C GLN C 65 -14.60 4.36 -5.48
N GLY C 66 -14.47 5.46 -6.21
CA GLY C 66 -15.47 5.90 -7.18
C GLY C 66 -16.40 6.96 -6.64
N ARG C 67 -17.01 6.69 -5.47
CA ARG C 67 -17.93 7.60 -4.79
C ARG C 67 -17.20 8.70 -4.00
N VAL C 68 -15.98 8.39 -3.51
CA VAL C 68 -15.15 9.34 -2.76
C VAL C 68 -14.07 9.90 -3.66
N THR C 69 -13.85 11.21 -3.56
CA THR C 69 -12.81 11.93 -4.29
C THR C 69 -12.19 12.86 -3.28
N ILE C 70 -10.90 12.66 -3.00
CA ILE C 70 -10.16 13.51 -2.07
C ILE C 70 -9.23 14.40 -2.89
N THR C 71 -9.32 15.71 -2.68
CA THR C 71 -8.50 16.67 -3.39
C THR C 71 -7.86 17.62 -2.39
N ALA C 72 -6.94 18.47 -2.85
CA ALA C 72 -6.28 19.44 -1.99
C ALA C 72 -6.02 20.76 -2.71
N ASP C 73 -6.23 21.85 -1.98
CA ASP C 73 -6.02 23.23 -2.40
C ASP C 73 -4.90 23.70 -1.46
N THR C 74 -3.65 23.39 -1.87
CA THR C 74 -2.40 23.64 -1.13
C THR C 74 -2.15 25.12 -0.80
N SER C 75 -2.59 26.04 -1.69
CA SER C 75 -2.47 27.48 -1.51
C SER C 75 -3.32 27.91 -0.29
N ALA C 76 -4.57 27.41 -0.25
CA ALA C 76 -5.52 27.65 0.85
C ALA C 76 -5.17 26.81 2.10
N SER C 77 -4.16 25.90 2.00
CA SER C 77 -3.69 24.98 3.06
C SER C 77 -4.86 24.11 3.60
N THR C 78 -5.76 23.70 2.67
CA THR C 78 -6.96 22.91 2.97
C THR C 78 -7.06 21.64 2.11
N ALA C 79 -7.68 20.58 2.69
CA ALA C 79 -7.94 19.33 2.00
C ALA C 79 -9.43 19.14 1.90
N TYR C 80 -9.88 18.56 0.79
CA TYR C 80 -11.29 18.35 0.51
C TYR C 80 -11.63 16.89 0.35
N MET C 81 -12.90 16.56 0.63
CA MET C 81 -13.43 15.22 0.45
C MET C 81 -14.82 15.36 -0.14
N GLU C 82 -15.04 14.81 -1.33
CA GLU C 82 -16.35 14.85 -1.97
C GLU C 82 -16.94 13.46 -2.04
N LEU C 83 -18.18 13.33 -1.56
CA LEU C 83 -18.89 12.07 -1.54
C LEU C 83 -20.17 12.22 -2.37
N SER C 84 -20.15 11.65 -3.57
CA SER C 84 -21.27 11.71 -4.50
C SER C 84 -22.31 10.62 -4.19
N SER C 85 -23.52 10.78 -4.77
CA SER C 85 -24.64 9.85 -4.65
C SER C 85 -24.87 9.38 -3.21
N LEU C 86 -25.11 10.35 -2.31
CA LEU C 86 -25.34 10.08 -0.89
C LEU C 86 -26.53 9.17 -0.62
N ARG C 87 -26.33 8.27 0.33
CA ARG C 87 -27.36 7.34 0.78
C ARG C 87 -27.53 7.59 2.28
N SER C 88 -28.64 7.11 2.85
CA SER C 88 -28.91 7.18 4.29
C SER C 88 -27.77 6.53 5.10
N GLU C 89 -27.13 5.46 4.55
CA GLU C 89 -25.99 4.72 5.10
C GLU C 89 -24.73 5.57 5.24
N ASP C 90 -24.64 6.68 4.48
CA ASP C 90 -23.46 7.55 4.53
C ASP C 90 -23.48 8.56 5.68
N GLU C 91 -24.59 8.62 6.44
CA GLU C 91 -24.68 9.51 7.58
C GLU C 91 -23.70 9.07 8.66
N ALA C 92 -22.73 9.97 8.96
CA ALA C 92 -21.63 9.71 9.90
C ALA C 92 -20.92 10.99 10.22
N VAL C 93 -19.96 10.93 11.15
CA VAL C 93 -19.09 12.06 11.42
C VAL C 93 -17.86 11.77 10.57
N TYR C 94 -17.46 12.74 9.76
CA TYR C 94 -16.32 12.65 8.86
C TYR C 94 -15.16 13.40 9.48
N TYR C 95 -14.04 12.70 9.67
CA TYR C 95 -12.83 13.27 10.28
C TYR C 95 -11.73 13.35 9.27
N CYS C 96 -10.87 14.35 9.41
CA CYS C 96 -9.66 14.46 8.61
C CYS C 96 -8.55 14.30 9.62
N ALA C 97 -7.40 13.79 9.18
CA ALA C 97 -6.29 13.58 10.10
C ALA C 97 -4.98 13.73 9.38
N ARG C 98 -3.96 14.18 10.08
CA ARG C 98 -2.65 14.32 9.46
C ARG C 98 -1.73 13.18 9.82
N GLU C 99 -0.88 12.79 8.87
CA GLU C 99 0.14 11.76 9.03
C GLU C 99 1.48 12.45 8.79
N GLY C 100 2.17 12.76 9.89
CA GLY C 100 3.46 13.42 9.89
C GLY C 100 4.63 12.51 10.20
N TYR C 101 5.84 12.97 9.86
CA TYR C 101 7.11 12.25 10.03
C TYR C 101 7.72 12.42 11.41
N TYR C 102 8.31 11.31 11.92
CA TYR C 102 8.97 11.22 13.22
C TYR C 102 10.44 10.84 13.03
N GLY C 103 11.29 11.86 13.10
CA GLY C 103 12.74 11.79 12.90
C GLY C 103 13.48 10.77 13.74
N ASN C 104 13.13 10.69 15.03
CA ASN C 104 13.73 9.77 16.01
C ASN C 104 13.34 8.29 15.81
N TYR C 105 12.45 7.98 14.84
CA TYR C 105 12.03 6.60 14.54
C TYR C 105 12.09 6.25 13.03
N GLY C 106 12.12 7.28 12.19
CA GLY C 106 12.15 7.14 10.74
C GLY C 106 10.85 6.64 10.17
N VAL C 107 9.71 7.08 10.77
CA VAL C 107 8.36 6.67 10.38
C VAL C 107 7.36 7.82 10.34
N TYR C 108 6.26 7.61 9.61
CA TYR C 108 5.12 8.51 9.55
C TYR C 108 4.03 7.90 10.46
N ALA C 109 3.12 8.75 10.98
CA ALA C 109 2.03 8.31 11.86
C ALA C 109 0.88 9.28 11.83
N MET C 110 -0.36 8.76 11.81
CA MET C 110 -1.60 9.52 11.86
C MET C 110 -1.66 10.06 13.29
N ASP C 111 -1.21 11.31 13.49
CA ASP C 111 -1.01 11.90 14.82
C ASP C 111 -2.03 12.95 15.30
N TYR C 112 -2.62 13.73 14.39
CA TYR C 112 -3.59 14.75 14.79
C TYR C 112 -4.87 14.62 14.02
N TRP C 113 -5.99 14.84 14.71
CA TRP C 113 -7.31 14.73 14.10
C TRP C 113 -8.05 16.04 14.24
N GLY C 114 -8.91 16.31 13.27
CA GLY C 114 -9.82 17.45 13.27
C GLY C 114 -10.99 17.15 14.20
N GLN C 115 -11.88 18.13 14.44
CA GLN C 115 -13.04 17.95 15.33
C GLN C 115 -14.10 17.01 14.77
N GLY C 116 -14.19 16.92 13.45
CA GLY C 116 -15.18 16.12 12.75
C GLY C 116 -16.29 16.96 12.15
N THR C 117 -16.97 16.40 11.14
CA THR C 117 -18.08 17.03 10.44
C THR C 117 -19.22 16.02 10.33
N LEU C 118 -20.37 16.36 10.91
CA LEU C 118 -21.56 15.54 10.87
C LEU C 118 -22.26 15.80 9.53
N VAL C 119 -22.40 14.76 8.72
CA VAL C 119 -23.10 14.85 7.46
C VAL C 119 -24.42 14.10 7.65
N THR C 120 -25.51 14.85 7.85
CA THR C 120 -26.84 14.29 8.02
C THR C 120 -27.41 14.07 6.63
N VAL C 121 -28.00 12.89 6.37
CA VAL C 121 -28.62 12.61 5.07
C VAL C 121 -30.14 12.67 5.27
N SER C 122 -30.78 13.80 4.86
CA SER C 122 -32.22 14.03 5.07
C SER C 122 -32.89 15.02 4.08
N SER C 123 -34.21 14.83 3.89
CA SER C 123 -35.12 15.62 3.05
C SER C 123 -35.95 16.56 3.94
N ALA C 124 -35.88 16.39 5.26
CA ALA C 124 -36.59 17.21 6.24
C ALA C 124 -35.99 18.61 6.34
N SER C 125 -36.85 19.59 6.65
CA SER C 125 -36.51 21.00 6.80
C SER C 125 -35.69 21.28 8.04
N THR C 126 -34.70 22.16 7.88
CA THR C 126 -33.89 22.66 8.97
C THR C 126 -34.80 23.56 9.80
N LYS C 127 -34.77 23.40 11.12
CA LYS C 127 -35.59 24.20 12.03
C LYS C 127 -34.74 24.61 13.22
N GLY C 128 -34.76 25.90 13.53
CA GLY C 128 -34.03 26.45 14.66
C GLY C 128 -34.67 26.11 15.98
N PRO C 129 -33.88 26.02 17.07
CA PRO C 129 -34.48 25.68 18.38
C PRO C 129 -35.09 26.88 19.10
N SER C 130 -35.95 26.56 20.08
CA SER C 130 -36.53 27.50 21.03
C SER C 130 -35.77 27.20 22.34
N VAL C 131 -35.31 28.24 23.05
CA VAL C 131 -34.54 28.07 24.28
C VAL C 131 -35.38 28.52 25.48
N PHE C 132 -35.70 27.59 26.40
CA PHE C 132 -36.50 27.88 27.59
C PHE C 132 -35.71 27.72 28.87
N PRO C 133 -35.82 28.68 29.83
CA PRO C 133 -35.05 28.54 31.07
C PRO C 133 -35.54 27.45 32.01
N LEU C 134 -34.60 26.80 32.69
CA LEU C 134 -34.88 25.76 33.69
C LEU C 134 -34.43 26.35 35.02
N ALA C 135 -35.40 26.76 35.83
CA ALA C 135 -35.14 27.39 37.12
C ALA C 135 -36.10 26.82 38.17
N PRO C 136 -35.67 26.66 39.44
CA PRO C 136 -36.57 26.10 40.46
C PRO C 136 -37.74 27.02 40.85
N CYS C 137 -38.84 26.40 41.30
CA CYS C 137 -40.05 27.07 41.78
C CYS C 137 -39.72 27.62 43.18
N SER C 138 -39.76 28.97 43.33
CA SER C 138 -39.45 29.72 44.57
C SER C 138 -38.01 29.50 45.04
N GLU C 143 -31.30 23.73 51.21
CA GLU C 143 -30.28 23.06 50.40
C GLU C 143 -29.05 23.95 50.15
N SER C 144 -27.84 23.34 50.20
CA SER C 144 -26.57 24.03 49.97
C SER C 144 -26.30 24.30 48.47
N THR C 145 -26.78 23.40 47.60
CA THR C 145 -26.60 23.51 46.15
C THR C 145 -27.93 23.66 45.41
N ALA C 146 -27.89 24.40 44.29
CA ALA C 146 -29.04 24.63 43.44
C ALA C 146 -28.71 24.24 42.00
N ALA C 147 -29.74 23.95 41.21
CA ALA C 147 -29.59 23.59 39.81
C ALA C 147 -30.33 24.55 38.90
N LEU C 148 -29.68 24.94 37.80
CA LEU C 148 -30.21 25.82 36.77
C LEU C 148 -29.93 25.18 35.41
N GLY C 149 -30.74 25.52 34.42
CA GLY C 149 -30.54 24.95 33.09
C GLY C 149 -31.28 25.61 31.95
N CYS C 150 -31.14 25.00 30.77
CA CYS C 150 -31.76 25.45 29.53
C CYS C 150 -32.36 24.26 28.81
N LEU C 151 -33.59 24.43 28.36
CA LEU C 151 -34.29 23.44 27.58
C LEU C 151 -34.22 23.95 26.14
N VAL C 152 -33.43 23.27 25.30
CA VAL C 152 -33.20 23.56 23.88
C VAL C 152 -34.19 22.63 23.14
N LYS C 153 -35.34 23.17 22.72
CA LYS C 153 -36.42 22.39 22.16
C LYS C 153 -36.78 22.67 20.71
N ASP C 154 -37.28 21.62 20.02
CA ASP C 154 -37.84 21.60 18.66
C ASP C 154 -36.88 22.06 17.56
N TYR C 155 -35.75 21.35 17.39
CA TYR C 155 -34.77 21.67 16.34
C TYR C 155 -34.48 20.49 15.43
N PHE C 156 -33.93 20.79 14.23
CA PHE C 156 -33.50 19.80 13.23
C PHE C 156 -32.55 20.44 12.21
N PRO C 157 -31.43 19.78 11.82
CA PRO C 157 -30.93 18.48 12.32
C PRO C 157 -30.10 18.70 13.55
N GLU C 158 -29.28 17.70 13.89
CA GLU C 158 -28.33 17.78 14.97
C GLU C 158 -27.06 18.38 14.35
N PRO C 159 -26.13 18.99 15.12
CA PRO C 159 -26.07 19.14 16.57
C PRO C 159 -26.35 20.56 17.07
N VAL C 160 -26.48 20.71 18.40
CA VAL C 160 -26.53 22.00 19.08
C VAL C 160 -25.39 22.00 20.11
N THR C 161 -24.72 23.14 20.29
CA THR C 161 -23.67 23.25 21.30
C THR C 161 -24.21 24.12 22.41
N VAL C 162 -23.93 23.73 23.66
CA VAL C 162 -24.35 24.49 24.83
C VAL C 162 -23.12 24.78 25.70
N SER C 163 -22.92 26.05 26.05
CA SER C 163 -21.85 26.46 26.93
C SER C 163 -22.44 27.35 27.97
N TRP C 164 -21.76 27.55 29.09
CA TRP C 164 -22.30 28.39 30.16
C TRP C 164 -21.37 29.53 30.47
N ASN C 165 -21.94 30.76 30.52
CA ASN C 165 -21.22 32.02 30.81
C ASN C 165 -20.01 32.23 29.89
N SER C 166 -20.23 31.99 28.58
CA SER C 166 -19.25 32.12 27.49
C SER C 166 -18.00 31.25 27.68
N GLY C 167 -18.16 30.11 28.35
CA GLY C 167 -17.09 29.15 28.60
C GLY C 167 -16.46 29.19 29.98
N ALA C 168 -16.82 30.19 30.81
CA ALA C 168 -16.28 30.32 32.16
C ALA C 168 -16.76 29.19 33.09
N LEU C 169 -18.04 28.83 32.97
CA LEU C 169 -18.69 27.78 33.76
C LEU C 169 -18.71 26.43 33.02
N THR C 170 -17.90 25.47 33.52
CA THR C 170 -17.73 24.12 32.94
C THR C 170 -17.88 23.02 34.02
N SER C 171 -17.48 23.33 35.26
CA SER C 171 -17.54 22.39 36.38
C SER C 171 -18.97 22.30 36.90
N GLY C 172 -19.50 21.08 36.93
CA GLY C 172 -20.86 20.78 37.37
C GLY C 172 -21.89 20.85 36.28
N VAL C 173 -21.43 21.05 35.04
CA VAL C 173 -22.28 21.17 33.85
C VAL C 173 -22.58 19.78 33.23
N HIS C 174 -23.84 19.54 32.88
CA HIS C 174 -24.27 18.34 32.18
C HIS C 174 -25.13 18.71 31.00
N THR C 175 -24.62 18.50 29.79
CA THR C 175 -25.37 18.71 28.55
C THR C 175 -25.76 17.31 28.15
N PHE C 176 -27.06 17.07 28.11
CA PHE C 176 -27.64 15.76 27.86
C PHE C 176 -27.81 15.43 26.40
N PRO C 177 -27.73 14.12 26.02
CA PRO C 177 -28.03 13.74 24.64
C PRO C 177 -29.48 14.10 24.33
N ALA C 178 -29.73 14.50 23.09
CA ALA C 178 -31.07 14.87 22.64
C ALA C 178 -31.99 13.65 22.63
N VAL C 179 -33.30 13.91 22.78
CA VAL C 179 -34.35 12.90 22.65
C VAL C 179 -35.06 13.23 21.34
N LEU C 180 -35.55 12.22 20.65
CA LEU C 180 -36.29 12.39 19.41
C LEU C 180 -37.79 12.46 19.73
N GLN C 181 -38.40 13.63 19.50
CA GLN C 181 -39.84 13.81 19.75
C GLN C 181 -40.66 13.16 18.63
N SER C 182 -41.96 12.84 18.91
CA SER C 182 -42.92 12.28 17.96
C SER C 182 -43.03 13.15 16.70
N SER C 183 -42.80 14.47 16.87
CA SER C 183 -42.80 15.49 15.82
C SER C 183 -41.62 15.32 14.84
N GLY C 184 -40.62 14.54 15.23
CA GLY C 184 -39.42 14.31 14.43
C GLY C 184 -38.36 15.36 14.68
N LEU C 185 -38.57 16.17 15.74
CA LEU C 185 -37.69 17.26 16.18
C LEU C 185 -37.02 16.84 17.49
N TYR C 186 -35.82 17.36 17.74
CA TYR C 186 -35.04 17.03 18.93
C TYR C 186 -35.26 17.99 20.06
N SER C 187 -35.09 17.46 21.29
CA SER C 187 -35.15 18.29 22.49
C SER C 187 -34.03 17.85 23.39
N LEU C 188 -33.27 18.80 23.92
CA LEU C 188 -32.22 18.50 24.87
C LEU C 188 -32.20 19.50 26.01
N SER C 189 -31.56 19.09 27.11
CA SER C 189 -31.41 19.94 28.26
C SER C 189 -29.95 20.02 28.64
N SER C 190 -29.56 21.16 29.17
CA SER C 190 -28.22 21.41 29.69
C SER C 190 -28.46 21.98 31.08
N VAL C 191 -27.74 21.47 32.06
CA VAL C 191 -27.89 21.88 33.46
C VAL C 191 -26.55 22.19 34.09
N VAL C 192 -26.61 22.86 35.24
CA VAL C 192 -25.45 23.20 36.05
C VAL C 192 -25.83 23.23 37.52
N THR C 193 -24.96 22.67 38.39
CA THR C 193 -25.18 22.74 39.82
C THR C 193 -24.24 23.81 40.35
N VAL C 194 -24.80 24.77 41.09
CA VAL C 194 -24.08 25.92 41.69
C VAL C 194 -24.45 26.05 43.19
N PRO C 195 -23.68 26.80 44.04
CA PRO C 195 -24.10 26.93 45.45
C PRO C 195 -25.28 27.89 45.57
N SER C 196 -26.28 27.55 46.42
CA SER C 196 -27.48 28.36 46.67
C SER C 196 -27.15 29.81 47.09
N SER C 197 -25.96 30.02 47.69
CA SER C 197 -25.42 31.29 48.16
C SER C 197 -25.17 32.30 47.02
N SER C 198 -24.87 31.82 45.80
CA SER C 198 -24.54 32.66 44.64
C SER C 198 -25.72 32.98 43.69
N LEU C 199 -26.95 32.51 44.00
CA LEU C 199 -28.13 32.75 43.16
C LEU C 199 -28.72 34.17 43.31
N GLY C 200 -27.85 35.17 43.14
CA GLY C 200 -28.15 36.59 43.24
C GLY C 200 -26.91 37.41 43.02
N THR C 201 -25.77 36.95 43.59
CA THR C 201 -24.45 37.58 43.48
C THR C 201 -23.73 37.21 42.17
N LYS C 202 -24.32 36.28 41.36
CA LYS C 202 -23.75 35.84 40.09
C LYS C 202 -24.83 35.53 39.04
N THR C 203 -24.56 35.91 37.78
CA THR C 203 -25.45 35.69 36.64
C THR C 203 -25.13 34.37 35.93
N TYR C 204 -26.18 33.69 35.43
CA TYR C 204 -26.02 32.42 34.74
C TYR C 204 -26.73 32.45 33.39
N THR C 205 -25.96 32.27 32.32
CA THR C 205 -26.44 32.30 30.94
C THR C 205 -25.93 31.09 30.16
N CYS C 206 -26.85 30.41 29.46
CA CYS C 206 -26.49 29.31 28.59
C CYS C 206 -26.35 29.91 27.19
N ASN C 207 -25.35 29.45 26.46
CA ASN C 207 -25.06 29.91 25.11
C ASN C 207 -25.33 28.76 24.16
N VAL C 208 -26.49 28.83 23.48
CA VAL C 208 -27.00 27.82 22.56
C VAL C 208 -26.64 28.22 21.13
N ASP C 209 -26.03 27.29 20.39
CA ASP C 209 -25.64 27.53 19.01
C ASP C 209 -26.11 26.34 18.15
N HIS C 210 -26.99 26.61 17.19
CA HIS C 210 -27.47 25.61 16.23
C HIS C 210 -27.09 26.15 14.87
N LYS C 211 -25.81 25.91 14.48
CA LYS C 211 -25.23 26.41 13.23
C LYS C 211 -26.04 26.03 11.97
N PRO C 212 -26.66 24.81 11.82
CA PRO C 212 -27.43 24.53 10.60
C PRO C 212 -28.57 25.53 10.25
N SER C 213 -29.12 26.22 11.28
CA SER C 213 -30.17 27.23 11.07
C SER C 213 -29.65 28.66 11.32
N ASN C 214 -28.33 28.84 11.55
CA ASN C 214 -27.73 30.16 11.83
C ASN C 214 -28.34 30.80 13.12
N THR C 215 -28.59 29.94 14.12
CA THR C 215 -29.18 30.32 15.40
C THR C 215 -28.14 30.30 16.50
N LYS C 216 -28.01 31.43 17.22
CA LYS C 216 -27.13 31.64 18.36
C LYS C 216 -27.92 32.47 19.37
N VAL C 217 -28.43 31.78 20.41
CA VAL C 217 -29.27 32.35 21.46
C VAL C 217 -28.46 32.32 22.77
N ASP C 218 -28.46 33.44 23.51
CA ASP C 218 -27.80 33.58 24.81
C ASP C 218 -28.90 33.87 25.84
N LYS C 219 -29.50 32.81 26.41
CA LYS C 219 -30.61 32.93 27.36
C LYS C 219 -30.14 33.00 28.81
N ARG C 220 -30.47 34.09 29.51
CA ARG C 220 -30.13 34.24 30.93
C ARG C 220 -31.16 33.48 31.76
N VAL C 221 -30.69 32.75 32.78
CA VAL C 221 -31.55 31.94 33.65
C VAL C 221 -31.56 32.55 35.05
N GLU C 222 -32.77 32.79 35.59
CA GLU C 222 -32.96 33.37 36.93
C GLU C 222 -34.01 32.63 37.75
N ASP D 1 -6.16 -7.34 0.96
CA ASP D 1 -6.99 -8.35 1.61
C ASP D 1 -6.43 -8.73 3.00
N ILE D 2 -6.47 -7.76 3.93
CA ILE D 2 -6.01 -7.88 5.32
C ILE D 2 -7.17 -7.72 6.33
N GLN D 3 -7.25 -8.61 7.33
CA GLN D 3 -8.27 -8.59 8.38
C GLN D 3 -7.65 -8.31 9.74
N MET D 4 -8.44 -7.73 10.64
CA MET D 4 -8.02 -7.38 12.00
C MET D 4 -9.07 -7.78 12.99
N THR D 5 -8.62 -8.17 14.19
CA THR D 5 -9.53 -8.50 15.29
C THR D 5 -9.02 -7.81 16.54
N GLN D 6 -9.87 -6.93 17.11
CA GLN D 6 -9.58 -6.21 18.34
C GLN D 6 -10.38 -6.87 19.47
N SER D 7 -9.71 -7.25 20.55
CA SER D 7 -10.36 -7.94 21.66
C SER D 7 -10.06 -7.29 23.02
N PRO D 8 -11.07 -7.03 23.89
CA PRO D 8 -12.51 -7.31 23.73
C PRO D 8 -13.30 -6.14 23.11
N SER D 9 -14.60 -6.33 22.79
CA SER D 9 -15.42 -5.24 22.25
C SER D 9 -15.77 -4.20 23.34
N SER D 10 -15.79 -4.64 24.63
CA SER D 10 -16.01 -3.78 25.80
C SER D 10 -15.46 -4.41 27.09
N LEU D 11 -14.99 -3.57 28.01
CA LEU D 11 -14.51 -4.06 29.29
C LEU D 11 -14.80 -3.09 30.41
N SER D 12 -14.98 -3.64 31.62
CA SER D 12 -15.21 -2.90 32.85
C SER D 12 -14.07 -3.21 33.80
N ALA D 13 -13.62 -2.19 34.54
CA ALA D 13 -12.53 -2.29 35.50
C ALA D 13 -12.61 -1.17 36.53
N SER D 14 -11.94 -1.35 37.68
CA SER D 14 -11.90 -0.36 38.75
C SER D 14 -10.74 0.61 38.55
N VAL D 15 -10.77 1.78 39.22
CA VAL D 15 -9.66 2.72 39.17
C VAL D 15 -8.44 2.02 39.86
N GLY D 16 -7.31 2.02 39.17
CA GLY D 16 -6.06 1.41 39.62
C GLY D 16 -5.78 0.06 39.00
N ASP D 17 -6.76 -0.50 38.28
CA ASP D 17 -6.67 -1.82 37.64
C ASP D 17 -5.86 -1.80 36.35
N ARG D 18 -5.29 -2.97 36.00
CA ARG D 18 -4.55 -3.15 34.76
C ARG D 18 -5.57 -3.49 33.68
N VAL D 19 -5.53 -2.73 32.59
CA VAL D 19 -6.42 -2.95 31.46
C VAL D 19 -5.58 -3.32 30.25
N THR D 20 -5.99 -4.38 29.57
CA THR D 20 -5.30 -4.86 28.39
C THR D 20 -6.26 -5.06 27.21
N ILE D 21 -5.83 -4.59 26.02
CA ILE D 21 -6.55 -4.74 24.76
C ILE D 21 -5.59 -5.39 23.80
N THR D 22 -6.06 -6.37 23.03
CA THR D 22 -5.20 -7.01 22.03
C THR D 22 -5.73 -6.82 20.64
N CYS D 23 -4.81 -6.91 19.69
CA CYS D 23 -5.10 -6.82 18.29
C CYS D 23 -4.37 -7.92 17.54
N LYS D 24 -5.07 -8.59 16.62
CA LYS D 24 -4.57 -9.67 15.79
C LYS D 24 -4.83 -9.42 14.30
N THR D 25 -3.76 -9.31 13.52
CA THR D 25 -3.82 -9.08 12.07
C THR D 25 -3.71 -10.42 11.32
N SER D 26 -4.28 -10.48 10.10
CA SER D 26 -4.25 -11.67 9.26
C SER D 26 -2.88 -11.92 8.58
N GLN D 27 -1.99 -10.92 8.59
CA GLN D 27 -0.64 -11.02 8.03
C GLN D 27 0.33 -10.18 8.84
N ASP D 28 1.65 -10.45 8.74
CA ASP D 28 2.64 -9.66 9.46
C ASP D 28 2.55 -8.22 8.96
N ILE D 29 2.42 -7.27 9.92
CA ILE D 29 2.25 -5.84 9.63
C ILE D 29 3.50 -5.04 10.04
N ASN D 30 4.62 -5.76 10.29
CA ASN D 30 5.95 -5.25 10.60
C ASN D 30 6.01 -4.06 11.55
N LYS D 31 5.34 -4.19 12.71
CA LYS D 31 5.28 -3.18 13.79
C LYS D 31 4.52 -1.89 13.43
N TYR D 32 3.83 -1.83 12.28
CA TYR D 32 3.07 -0.64 11.88
C TYR D 32 1.70 -0.71 12.51
N MET D 33 1.73 -0.55 13.83
CA MET D 33 0.61 -0.68 14.72
C MET D 33 0.54 0.53 15.60
N ALA D 34 -0.65 1.16 15.65
CA ALA D 34 -0.91 2.36 16.45
C ALA D 34 -2.19 2.24 17.29
N TRP D 35 -2.21 2.95 18.42
CA TRP D 35 -3.34 2.94 19.34
C TRP D 35 -3.90 4.33 19.51
N TYR D 36 -5.22 4.45 19.44
CA TYR D 36 -5.99 5.71 19.54
C TYR D 36 -7.01 5.67 20.66
N GLN D 37 -7.12 6.80 21.37
CA GLN D 37 -8.07 7.02 22.45
C GLN D 37 -9.17 7.95 21.92
N GLN D 38 -10.44 7.58 22.14
CA GLN D 38 -11.56 8.41 21.73
C GLN D 38 -12.55 8.51 22.87
N THR D 39 -12.46 9.61 23.64
CA THR D 39 -13.36 9.92 24.75
C THR D 39 -14.74 10.33 24.16
N PRO D 40 -15.88 10.27 24.90
CA PRO D 40 -17.18 10.62 24.26
C PRO D 40 -17.29 12.09 23.89
N GLY D 41 -17.82 12.34 22.69
CA GLY D 41 -17.99 13.68 22.12
C GLY D 41 -16.79 14.19 21.34
N LYS D 42 -15.59 13.88 21.84
CA LYS D 42 -14.30 14.28 21.26
C LYS D 42 -13.86 13.37 20.10
N ALA D 43 -12.86 13.84 19.34
CA ALA D 43 -12.25 13.18 18.19
C ALA D 43 -11.10 12.24 18.64
N PRO D 44 -10.70 11.21 17.85
CA PRO D 44 -9.59 10.34 18.28
C PRO D 44 -8.27 11.08 18.54
N ARG D 45 -7.47 10.53 19.46
CA ARG D 45 -6.18 11.06 19.90
C ARG D 45 -5.18 9.90 19.86
N LEU D 46 -4.04 10.11 19.18
CA LEU D 46 -2.98 9.11 19.11
C LEU D 46 -2.32 8.99 20.48
N LEU D 47 -2.12 7.74 20.95
CA LEU D 47 -1.43 7.48 22.22
C LEU D 47 -0.04 6.86 21.97
N ILE D 48 0.01 5.80 21.12
CA ILE D 48 1.19 5.01 20.76
C ILE D 48 1.19 4.74 19.25
N HIS D 49 2.35 4.89 18.58
CA HIS D 49 2.52 4.56 17.16
C HIS D 49 3.75 3.62 17.04
N TYR D 50 3.91 2.92 15.90
CA TYR D 50 4.98 1.96 15.63
C TYR D 50 5.20 0.98 16.82
N THR D 51 4.08 0.34 17.23
CA THR D 51 3.94 -0.65 18.29
C THR D 51 4.13 -0.10 19.73
N SER D 52 5.24 0.61 20.00
CA SER D 52 5.55 1.03 21.38
C SER D 52 6.01 2.48 21.54
N ALA D 53 6.07 3.27 20.45
CA ALA D 53 6.49 4.67 20.56
C ALA D 53 5.36 5.50 21.15
N LEU D 54 5.48 5.80 22.45
CA LEU D 54 4.51 6.56 23.21
C LEU D 54 4.68 8.03 22.87
N GLN D 55 3.59 8.62 22.33
CA GLN D 55 3.49 10.03 21.93
C GLN D 55 3.80 10.96 23.12
N PRO D 56 4.67 11.97 22.97
CA PRO D 56 4.95 12.89 24.10
C PRO D 56 3.68 13.65 24.50
N GLY D 57 3.42 13.73 25.79
CA GLY D 57 2.22 14.34 26.33
C GLY D 57 1.25 13.31 26.88
N ILE D 58 1.45 12.03 26.49
CA ILE D 58 0.63 10.89 26.92
C ILE D 58 1.26 10.26 28.18
N PRO D 59 0.48 10.08 29.28
CA PRO D 59 1.07 9.49 30.51
C PRO D 59 1.72 8.12 30.30
N SER D 60 2.75 7.82 31.13
CA SER D 60 3.55 6.59 31.08
C SER D 60 2.77 5.29 31.38
N ARG D 61 1.57 5.39 32.01
CA ARG D 61 0.71 4.24 32.32
C ARG D 61 0.22 3.53 31.05
N PHE D 62 0.27 4.24 29.91
CA PHE D 62 -0.10 3.71 28.60
C PHE D 62 1.15 3.14 27.93
N SER D 63 1.01 1.94 27.35
CA SER D 63 2.09 1.25 26.67
C SER D 63 1.56 0.26 25.66
N GLY D 64 2.38 0.03 24.64
CA GLY D 64 2.11 -0.92 23.56
C GLY D 64 3.26 -1.90 23.42
N SER D 65 2.96 -3.07 22.86
CA SER D 65 3.92 -4.13 22.59
C SER D 65 3.36 -5.02 21.50
N GLY D 66 4.21 -5.90 20.99
CA GLY D 66 3.85 -6.86 19.96
C GLY D 66 4.85 -6.87 18.82
N SER D 67 4.59 -7.77 17.85
CA SER D 67 5.36 -8.01 16.63
C SER D 67 4.59 -9.04 15.82
N GLY D 68 4.93 -9.16 14.55
CA GLY D 68 4.26 -10.09 13.65
C GLY D 68 2.82 -9.74 13.41
N ARG D 69 1.92 -10.55 13.96
CA ARG D 69 0.48 -10.42 13.80
C ARG D 69 -0.24 -10.09 15.11
N ASP D 70 0.49 -10.11 16.24
CA ASP D 70 -0.07 -9.98 17.58
C ASP D 70 0.40 -8.76 18.29
N TYR D 71 -0.55 -7.91 18.71
CA TYR D 71 -0.23 -6.65 19.38
C TYR D 71 -1.07 -6.45 20.62
N THR D 72 -0.49 -5.75 21.63
CA THR D 72 -1.14 -5.53 22.92
C THR D 72 -0.99 -4.07 23.40
N PHE D 73 -2.12 -3.47 23.88
CA PHE D 73 -2.21 -2.14 24.48
C PHE D 73 -2.52 -2.36 25.93
N THR D 74 -1.82 -1.64 26.80
CA THR D 74 -1.97 -1.75 28.25
C THR D 74 -2.10 -0.38 28.88
N ILE D 75 -2.96 -0.30 29.89
CA ILE D 75 -3.13 0.81 30.82
C ILE D 75 -2.77 0.12 32.12
N SER D 76 -1.56 0.38 32.66
CA SER D 76 -1.04 -0.27 33.87
C SER D 76 -1.90 -0.02 35.12
N SER D 77 -2.45 1.21 35.23
CA SER D 77 -3.30 1.67 36.33
C SER D 77 -4.41 2.58 35.78
N LEU D 78 -5.64 2.03 35.62
CA LEU D 78 -6.80 2.73 35.09
C LEU D 78 -7.18 3.98 35.91
N GLN D 79 -7.32 5.12 35.23
CA GLN D 79 -7.68 6.39 35.83
C GLN D 79 -9.09 6.83 35.39
N PRO D 80 -9.81 7.67 36.17
CA PRO D 80 -11.16 8.11 35.72
C PRO D 80 -11.18 8.82 34.36
N GLU D 81 -10.10 9.52 34.00
CA GLU D 81 -10.00 10.23 32.73
C GLU D 81 -9.74 9.29 31.53
N ASP D 82 -9.51 7.99 31.78
CA ASP D 82 -9.23 6.98 30.75
C ASP D 82 -10.49 6.35 30.16
N ILE D 83 -11.69 6.74 30.62
CA ILE D 83 -12.94 6.21 30.05
C ILE D 83 -13.04 6.69 28.62
N ALA D 84 -13.00 5.73 27.68
CA ALA D 84 -13.01 6.01 26.25
C ALA D 84 -13.15 4.71 25.48
N THR D 85 -13.40 4.82 24.16
CA THR D 85 -13.33 3.70 23.25
C THR D 85 -11.91 3.78 22.67
N TYR D 86 -11.19 2.66 22.67
CA TYR D 86 -9.83 2.58 22.16
C TYR D 86 -9.80 1.85 20.87
N TYR D 87 -8.99 2.33 19.93
CA TYR D 87 -8.88 1.72 18.61
C TYR D 87 -7.47 1.35 18.29
N CYS D 88 -7.32 0.22 17.60
CA CYS D 88 -6.03 -0.18 17.08
C CYS D 88 -6.01 0.17 15.60
N LEU D 89 -4.83 0.40 15.04
CA LEU D 89 -4.73 0.70 13.62
C LEU D 89 -3.52 0.03 13.00
N GLN D 90 -3.76 -0.74 11.92
CA GLN D 90 -2.68 -1.32 11.14
C GLN D 90 -2.47 -0.39 9.94
N TYR D 91 -1.20 -0.05 9.65
CA TYR D 91 -0.87 0.82 8.53
C TYR D 91 0.36 0.33 7.77
N ASP D 92 0.30 -0.95 7.35
CA ASP D 92 1.34 -1.59 6.56
C ASP D 92 0.75 -1.85 5.17
N ASN D 93 -0.36 -2.61 5.11
CA ASN D 93 -1.08 -2.88 3.87
C ASN D 93 -2.34 -2.01 3.95
N LEU D 94 -2.23 -0.80 3.39
CA LEU D 94 -3.29 0.22 3.45
C LEU D 94 -3.59 0.58 4.92
N TRP D 95 -4.85 0.82 5.28
CA TRP D 95 -5.19 1.29 6.63
C TRP D 95 -6.48 0.67 7.11
N THR D 96 -6.42 -0.07 8.25
CA THR D 96 -7.57 -0.72 8.88
C THR D 96 -7.58 -0.39 10.37
N PHE D 97 -8.68 0.16 10.86
CA PHE D 97 -8.86 0.45 12.28
C PHE D 97 -9.57 -0.74 12.90
N GLY D 98 -9.32 -0.99 14.17
CA GLY D 98 -9.97 -2.07 14.91
C GLY D 98 -11.43 -1.75 15.14
N GLN D 99 -12.19 -2.75 15.60
CA GLN D 99 -13.62 -2.59 15.89
C GLN D 99 -13.83 -1.69 17.13
N GLY D 100 -12.78 -1.53 17.94
CA GLY D 100 -12.79 -0.69 19.13
C GLY D 100 -13.13 -1.41 20.42
N THR D 101 -12.62 -0.87 21.56
CA THR D 101 -12.88 -1.40 22.90
C THR D 101 -13.40 -0.25 23.75
N LYS D 102 -14.64 -0.37 24.26
CA LYS D 102 -15.18 0.65 25.16
C LYS D 102 -14.72 0.28 26.58
N VAL D 103 -13.95 1.16 27.22
CA VAL D 103 -13.46 0.98 28.59
C VAL D 103 -14.34 1.83 29.54
N GLU D 104 -15.18 1.14 30.34
CA GLU D 104 -16.10 1.70 31.34
C GLU D 104 -15.51 1.50 32.73
N ILE D 105 -15.82 2.40 33.68
CA ILE D 105 -15.31 2.28 35.04
C ILE D 105 -16.38 1.80 36.04
N LYS D 106 -15.98 0.80 36.85
CA LYS D 106 -16.70 0.25 37.98
C LYS D 106 -16.27 1.10 39.19
N ARG D 107 -17.25 1.70 39.89
CA ARG D 107 -16.99 2.50 41.09
C ARG D 107 -18.01 2.19 42.17
N THR D 108 -17.93 2.88 43.31
CA THR D 108 -18.84 2.66 44.43
C THR D 108 -20.18 3.29 44.14
N VAL D 109 -21.25 2.78 44.79
CA VAL D 109 -22.62 3.29 44.69
C VAL D 109 -22.65 4.78 45.05
N ALA D 110 -23.41 5.57 44.31
CA ALA D 110 -23.59 7.00 44.54
C ALA D 110 -25.03 7.34 44.21
N ALA D 111 -25.78 7.82 45.21
CA ALA D 111 -27.20 8.17 45.04
C ALA D 111 -27.32 9.49 44.25
N PRO D 112 -28.36 9.66 43.41
CA PRO D 112 -28.49 10.92 42.69
C PRO D 112 -29.04 12.04 43.56
N SER D 113 -28.72 13.27 43.15
CA SER D 113 -29.26 14.53 43.68
C SER D 113 -30.42 14.80 42.70
N VAL D 114 -31.64 14.85 43.22
CA VAL D 114 -32.83 15.05 42.39
C VAL D 114 -33.26 16.54 42.40
N PHE D 115 -33.68 17.08 41.24
CA PHE D 115 -34.14 18.44 41.04
C PHE D 115 -35.32 18.49 40.09
N ILE D 116 -36.33 19.32 40.39
CA ILE D 116 -37.52 19.47 39.57
C ILE D 116 -37.60 20.92 39.04
N PHE D 117 -37.94 21.05 37.74
CA PHE D 117 -38.06 22.34 37.05
C PHE D 117 -39.44 22.48 36.42
N PRO D 118 -40.18 23.57 36.77
CA PRO D 118 -41.49 23.78 36.14
C PRO D 118 -41.35 24.30 34.71
N PRO D 119 -42.38 24.21 33.83
CA PRO D 119 -42.26 24.84 32.51
C PRO D 119 -42.15 26.36 32.66
N SER D 120 -41.36 27.01 31.81
CA SER D 120 -41.15 28.46 31.86
C SER D 120 -42.38 29.20 31.34
N ASP D 121 -42.50 30.50 31.70
CA ASP D 121 -43.58 31.39 31.27
C ASP D 121 -43.53 31.51 29.74
N GLU D 122 -42.30 31.61 29.17
CA GLU D 122 -42.02 31.72 27.74
C GLU D 122 -42.63 30.56 26.98
N GLN D 123 -42.41 29.32 27.49
CA GLN D 123 -42.93 28.10 26.88
C GLN D 123 -44.44 28.01 26.96
N LEU D 124 -45.02 28.40 28.11
CA LEU D 124 -46.47 28.35 28.34
C LEU D 124 -47.24 29.21 27.33
N LYS D 125 -46.66 30.38 26.95
CA LYS D 125 -47.23 31.30 25.96
C LYS D 125 -47.39 30.62 24.59
N SER D 126 -46.63 29.54 24.34
CA SER D 126 -46.63 28.79 23.08
C SER D 126 -47.67 27.63 23.06
N GLY D 127 -48.22 27.27 24.23
CA GLY D 127 -49.23 26.24 24.37
C GLY D 127 -48.80 24.84 24.76
N THR D 128 -47.50 24.66 25.09
CA THR D 128 -46.93 23.37 25.52
C THR D 128 -46.21 23.57 26.86
N ALA D 129 -46.34 22.58 27.76
CA ALA D 129 -45.68 22.58 29.05
C ALA D 129 -44.74 21.39 29.19
N SER D 130 -43.44 21.68 29.36
CA SER D 130 -42.43 20.64 29.53
C SER D 130 -41.93 20.72 30.97
N VAL D 131 -42.14 19.65 31.74
CA VAL D 131 -41.67 19.56 33.12
C VAL D 131 -40.40 18.71 33.07
N VAL D 132 -39.34 19.16 33.75
CA VAL D 132 -38.04 18.48 33.74
C VAL D 132 -37.59 18.01 35.12
N CYS D 133 -37.10 16.74 35.19
CA CYS D 133 -36.51 16.15 36.38
C CYS D 133 -35.06 15.88 36.10
N LEU D 134 -34.20 16.22 37.04
CA LEU D 134 -32.78 16.00 36.91
C LEU D 134 -32.27 15.10 38.02
N LEU D 135 -31.53 14.04 37.65
CA LEU D 135 -30.86 13.10 38.54
C LEU D 135 -29.39 13.39 38.27
N ASN D 136 -28.69 13.88 39.28
CA ASN D 136 -27.33 14.35 39.16
C ASN D 136 -26.27 13.48 39.88
N ASN D 137 -25.20 13.13 39.13
CA ASN D 137 -24.01 12.35 39.52
C ASN D 137 -24.30 11.08 40.38
N PHE D 138 -24.91 10.07 39.73
CA PHE D 138 -25.21 8.80 40.37
C PHE D 138 -24.46 7.60 39.77
N TYR D 139 -24.40 6.50 40.52
CA TYR D 139 -23.79 5.23 40.10
C TYR D 139 -24.46 4.03 40.83
N PRO D 140 -24.79 2.89 40.15
CA PRO D 140 -24.68 2.59 38.71
C PRO D 140 -25.67 3.38 37.84
N ARG D 141 -25.56 3.28 36.51
CA ARG D 141 -26.40 4.05 35.58
C ARG D 141 -27.93 3.76 35.66
N GLU D 142 -28.34 2.58 36.13
CA GLU D 142 -29.75 2.19 36.22
C GLU D 142 -30.47 3.00 37.30
N ALA D 143 -31.55 3.70 36.91
CA ALA D 143 -32.35 4.55 37.80
C ALA D 143 -33.75 4.66 37.23
N LYS D 144 -34.75 4.73 38.09
CA LYS D 144 -36.14 4.85 37.63
C LYS D 144 -36.73 6.22 37.99
N VAL D 145 -37.44 6.82 37.03
CA VAL D 145 -38.14 8.09 37.19
C VAL D 145 -39.62 7.79 36.99
N GLN D 146 -40.43 8.14 37.99
CA GLN D 146 -41.87 7.98 37.97
C GLN D 146 -42.50 9.37 38.10
N TRP D 147 -43.17 9.84 37.05
CA TRP D 147 -43.85 11.13 37.05
C TRP D 147 -45.24 10.98 37.68
N LYS D 148 -45.54 11.83 38.67
CA LYS D 148 -46.82 11.84 39.38
C LYS D 148 -47.50 13.20 39.24
N VAL D 149 -48.72 13.19 38.68
CA VAL D 149 -49.53 14.41 38.49
C VAL D 149 -50.80 14.24 39.32
N ASP D 150 -50.84 14.90 40.50
CA ASP D 150 -51.91 14.82 41.51
C ASP D 150 -52.05 13.38 42.04
N ASN D 151 -50.88 12.75 42.37
CA ASN D 151 -50.68 11.38 42.87
C ASN D 151 -50.93 10.27 41.82
N ALA D 152 -51.30 10.65 40.59
CA ALA D 152 -51.56 9.71 39.48
C ALA D 152 -50.28 9.46 38.69
N LEU D 153 -49.90 8.18 38.52
CA LEU D 153 -48.70 7.78 37.79
C LEU D 153 -48.89 8.01 36.30
N GLN D 154 -47.95 8.74 35.68
CA GLN D 154 -47.98 9.08 34.26
C GLN D 154 -47.33 8.00 33.40
N SER D 155 -47.84 7.84 32.16
CA SER D 155 -47.32 6.87 31.19
C SER D 155 -47.60 7.35 29.76
N GLY D 156 -46.58 7.28 28.91
CA GLY D 156 -46.67 7.64 27.50
C GLY D 156 -46.37 9.08 27.13
N ASN D 157 -46.22 9.97 28.14
CA ASN D 157 -45.96 11.40 27.93
C ASN D 157 -44.60 11.82 28.47
N SER D 158 -43.70 10.86 28.59
CA SER D 158 -42.36 11.11 29.12
C SER D 158 -41.27 10.58 28.20
N GLN D 159 -40.12 11.28 28.20
CA GLN D 159 -38.90 10.91 27.49
C GLN D 159 -37.69 11.22 28.37
N GLU D 160 -36.69 10.31 28.38
CA GLU D 160 -35.48 10.52 29.17
C GLU D 160 -34.21 10.20 28.38
N SER D 161 -33.08 10.66 28.91
CA SER D 161 -31.74 10.43 28.36
C SER D 161 -30.76 10.47 29.50
N VAL D 162 -29.67 9.71 29.36
CA VAL D 162 -28.58 9.60 30.33
C VAL D 162 -27.31 10.10 29.65
N THR D 163 -26.39 10.66 30.44
CA THR D 163 -25.11 11.14 29.93
C THR D 163 -24.18 9.95 29.75
N GLU D 164 -23.02 10.24 29.14
CA GLU D 164 -21.92 9.31 29.06
C GLU D 164 -21.35 9.32 30.50
N GLN D 165 -20.47 8.36 30.84
CA GLN D 165 -19.84 8.35 32.16
C GLN D 165 -18.95 9.60 32.34
N ASP D 166 -18.87 10.11 33.56
CA ASP D 166 -18.05 11.28 33.86
C ASP D 166 -16.54 10.93 33.92
N SER D 167 -15.67 11.82 33.38
CA SER D 167 -14.20 11.63 33.31
C SER D 167 -13.48 11.99 34.61
N LYS D 168 -14.20 12.54 35.58
CA LYS D 168 -13.67 12.96 36.86
C LYS D 168 -14.15 12.06 38.01
N ASP D 169 -15.48 11.87 38.16
CA ASP D 169 -16.02 11.06 39.26
C ASP D 169 -16.63 9.71 38.81
N SER D 170 -16.70 9.44 37.49
CA SER D 170 -17.21 8.18 36.91
C SER D 170 -18.71 7.92 37.13
N THR D 171 -19.48 8.98 37.36
CA THR D 171 -20.92 8.86 37.58
C THR D 171 -21.68 9.17 36.30
N TYR D 172 -23.01 9.03 36.39
CA TYR D 172 -23.94 9.30 35.31
C TYR D 172 -24.93 10.33 35.80
N SER D 173 -25.57 11.04 34.87
CA SER D 173 -26.62 12.00 35.16
C SER D 173 -27.72 11.73 34.16
N LEU D 174 -28.97 11.89 34.61
CA LEU D 174 -30.15 11.62 33.81
C LEU D 174 -31.08 12.84 33.83
N SER D 175 -31.76 13.07 32.72
CA SER D 175 -32.73 14.14 32.56
C SER D 175 -34.00 13.52 31.95
N SER D 176 -35.15 13.78 32.60
CA SER D 176 -36.46 13.30 32.16
C SER D 176 -37.40 14.47 31.90
N THR D 177 -38.10 14.44 30.74
CA THR D 177 -39.06 15.46 30.37
C THR D 177 -40.46 14.87 30.29
N LEU D 178 -41.39 15.47 31.04
CA LEU D 178 -42.82 15.15 31.03
C LEU D 178 -43.47 16.27 30.17
N THR D 179 -44.10 15.89 29.03
CA THR D 179 -44.71 16.86 28.12
C THR D 179 -46.23 16.78 28.08
N LEU D 180 -46.87 17.93 28.31
CA LEU D 180 -48.33 18.13 28.29
C LEU D 180 -48.69 19.39 27.50
N SER D 181 -49.94 19.46 27.01
CA SER D 181 -50.50 20.65 26.36
C SER D 181 -50.83 21.64 27.49
N LYS D 182 -50.71 22.97 27.25
CA LYS D 182 -51.00 24.01 28.26
C LYS D 182 -52.34 23.78 29.00
N ALA D 183 -53.39 23.32 28.26
CA ALA D 183 -54.72 23.00 28.79
C ALA D 183 -54.65 21.96 29.92
N ASP D 184 -54.01 20.79 29.64
CA ASP D 184 -53.82 19.69 30.59
C ASP D 184 -52.97 20.11 31.78
N TYR D 185 -51.91 20.93 31.54
CA TYR D 185 -51.04 21.44 32.60
C TYR D 185 -51.80 22.33 33.58
N GLU D 186 -52.73 23.15 33.06
CA GLU D 186 -53.56 24.07 33.84
C GLU D 186 -54.69 23.35 34.62
N LYS D 187 -54.99 22.08 34.24
CA LYS D 187 -56.03 21.25 34.89
C LYS D 187 -55.58 20.66 36.23
N HIS D 188 -54.26 20.60 36.49
CA HIS D 188 -53.69 20.01 37.72
C HIS D 188 -52.81 20.99 38.49
N LYS D 189 -52.44 20.65 39.74
CA LYS D 189 -51.65 21.56 40.58
C LYS D 189 -50.34 20.97 41.07
N VAL D 190 -50.35 19.73 41.61
CA VAL D 190 -49.14 19.09 42.14
C VAL D 190 -48.44 18.24 41.05
N TYR D 191 -47.20 18.63 40.74
CA TYR D 191 -46.37 17.97 39.75
C TYR D 191 -45.16 17.40 40.46
N ALA D 192 -45.02 16.07 40.40
CA ALA D 192 -43.97 15.36 41.12
C ALA D 192 -43.15 14.40 40.28
N CYS D 193 -41.87 14.27 40.66
CA CYS D 193 -40.92 13.34 40.06
C CYS D 193 -40.39 12.41 41.18
N GLU D 194 -40.71 11.10 41.09
CA GLU D 194 -40.26 10.08 42.08
C GLU D 194 -39.11 9.26 41.49
N VAL D 195 -37.97 9.28 42.19
CA VAL D 195 -36.73 8.62 41.76
C VAL D 195 -36.35 7.44 42.66
N THR D 196 -36.17 6.28 42.03
CA THR D 196 -35.71 5.08 42.72
C THR D 196 -34.32 4.72 42.19
N HIS D 197 -33.37 4.48 43.10
CA HIS D 197 -31.99 4.12 42.77
C HIS D 197 -31.39 3.30 43.90
N GLN D 198 -30.51 2.35 43.54
CA GLN D 198 -29.75 1.43 44.40
C GLN D 198 -29.09 2.15 45.59
N GLY D 199 -28.60 3.36 45.34
CA GLY D 199 -27.95 4.17 46.37
C GLY D 199 -28.90 4.78 47.36
N LEU D 200 -30.21 4.75 47.09
CA LEU D 200 -31.23 5.33 47.97
C LEU D 200 -31.92 4.28 48.81
N SER D 201 -32.05 4.57 50.13
CA SER D 201 -32.73 3.72 51.12
C SER D 201 -34.21 3.66 50.79
N SER D 202 -34.80 4.83 50.50
CA SER D 202 -36.19 5.02 50.12
C SER D 202 -36.25 5.95 48.91
N PRO D 203 -37.26 5.81 48.02
CA PRO D 203 -37.36 6.71 46.86
C PRO D 203 -37.39 8.20 47.22
N VAL D 204 -36.81 9.06 46.36
CA VAL D 204 -36.79 10.51 46.55
C VAL D 204 -37.82 11.17 45.65
N THR D 205 -38.73 11.95 46.24
CA THR D 205 -39.77 12.68 45.51
C THR D 205 -39.49 14.17 45.56
N LYS D 206 -39.39 14.78 44.37
CA LYS D 206 -39.20 16.22 44.20
C LYS D 206 -40.47 16.73 43.54
N SER D 207 -41.05 17.79 44.13
CA SER D 207 -42.32 18.34 43.65
C SER D 207 -42.44 19.86 43.75
N PHE D 208 -43.41 20.41 43.01
CA PHE D 208 -43.77 21.82 42.99
C PHE D 208 -45.28 21.94 42.77
N ASN D 209 -45.85 23.07 43.21
CA ASN D 209 -47.27 23.39 43.02
C ASN D 209 -47.35 24.45 41.92
N ARG D 210 -48.19 24.23 40.89
CA ARG D 210 -48.40 25.18 39.80
C ARG D 210 -49.04 26.47 40.38
N GLY D 211 -48.21 27.49 40.56
CA GLY D 211 -48.57 28.78 41.15
C GLY D 211 -48.06 28.95 42.56
C1 GOL E . -34.56 15.17 28.77
O1 GOL E . -35.82 14.56 28.60
C2 GOL E . -33.82 15.22 27.46
O2 GOL E . -34.53 16.06 26.53
C3 GOL E . -32.48 15.82 27.75
O3 GOL E . -31.70 15.89 26.57
C1 GOL F . -17.97 18.04 15.37
O1 GOL F . -17.95 18.48 16.72
C2 GOL F . -19.13 17.12 15.10
O2 GOL F . -18.90 16.38 13.90
C3 GOL F . -20.43 17.88 14.98
O3 GOL F . -20.50 18.60 13.76
H11 GOL F . -17.03 17.54 15.12
H12 GOL F . -18.02 18.90 14.71
HO1 GOL F . -17.19 19.11 16.79
H2 GOL F . -19.19 16.33 15.85
HO2 GOL F . -19.66 15.77 13.75
H31 GOL F . -21.29 17.21 15.09
H32 GOL F . -20.52 18.58 15.82
HO3 GOL F . -21.36 19.08 13.77
C1 GOL G . -33.48 5.57 29.37
O1 GOL G . -33.75 4.60 30.36
C2 GOL G . -32.43 5.09 28.41
O2 GOL G . -32.35 5.96 27.27
C3 GOL G . -31.14 5.17 29.18
O3 GOL G . -30.05 4.80 28.36
#